data_8GA9
#
_entry.id   8GA9
#
_entity_poly.entity_id   1
_entity_poly.type   'polypeptide(L)'
_entity_poly.pdbx_seq_one_letter_code
;MKKELYEFYFMPPLKQIEFLEELVNNPEKFKEFFKRLKEEPGAMELFLRNLYLMHPMVQIYFLELLVENPELFKLFFEYL
EECPGAMEQFLLNLYLLHPMVQIEFLKLLVENPELFRLFFEYLKRCPGALELFKEIIELLDPIIQKYLKKLLEENPELKA
LVKEV
;
_entity_poly.pdbx_strand_id   A,C,E,G
#
# COMPACT_ATOMS: atom_id res chain seq x y z
N MET A 1 17.64 -25.83 -4.98
CA MET A 1 18.03 -24.59 -4.23
C MET A 1 17.04 -23.44 -4.40
N LYS A 2 17.00 -22.73 -5.54
CA LYS A 2 16.26 -21.47 -5.73
C LYS A 2 14.79 -21.51 -5.28
N LYS A 3 14.10 -22.64 -5.46
CA LYS A 3 12.68 -22.79 -5.11
C LYS A 3 12.42 -22.77 -3.61
N GLU A 4 13.39 -23.13 -2.75
CA GLU A 4 13.30 -23.00 -1.29
C GLU A 4 12.98 -21.57 -0.86
N LEU A 5 13.60 -20.56 -1.48
CA LEU A 5 13.45 -19.17 -1.06
C LEU A 5 12.07 -18.60 -1.42
N TYR A 6 11.44 -19.13 -2.45
CA TYR A 6 10.06 -18.82 -2.78
C TYR A 6 9.09 -19.57 -1.87
N GLU A 7 9.31 -20.87 -1.65
CA GLU A 7 8.49 -21.64 -0.72
C GLU A 7 8.48 -21.01 0.66
N PHE A 8 9.65 -20.61 1.15
CA PHE A 8 9.79 -19.81 2.35
C PHE A 8 8.99 -18.51 2.26
N TYR A 9 9.23 -17.67 1.24
CA TYR A 9 8.64 -16.34 1.14
C TYR A 9 7.12 -16.35 1.01
N PHE A 10 6.54 -17.43 0.48
CA PHE A 10 5.09 -17.62 0.37
C PHE A 10 4.47 -18.45 1.52
N MET A 11 5.23 -18.89 2.54
CA MET A 11 4.64 -19.39 3.77
C MET A 11 3.87 -18.26 4.48
N PRO A 12 2.88 -18.54 5.34
CA PRO A 12 2.25 -17.53 6.19
C PRO A 12 3.27 -16.94 7.18
N PRO A 13 3.15 -15.70 7.66
CA PRO A 13 4.16 -15.05 8.51
C PRO A 13 4.57 -15.83 9.76
N LEU A 14 3.66 -16.53 10.43
CA LEU A 14 4.00 -17.30 11.64
C LEU A 14 5.07 -18.35 11.37
N LYS A 15 5.08 -18.95 10.18
CA LYS A 15 6.07 -19.93 9.77
C LYS A 15 7.41 -19.27 9.51
N GLN A 16 7.42 -18.08 8.91
CA GLN A 16 8.65 -17.34 8.68
C GLN A 16 9.26 -16.88 10.00
N ILE A 17 8.45 -16.34 10.92
CA ILE A 17 8.90 -15.99 12.27
C ILE A 17 9.48 -17.21 12.96
N GLU A 18 8.81 -18.37 12.93
CA GLU A 18 9.31 -19.61 13.51
C GLU A 18 10.66 -20.03 12.87
N PHE A 19 10.74 -20.10 11.54
CA PHE A 19 11.94 -20.45 10.80
C PHE A 19 13.11 -19.54 11.18
N LEU A 20 12.93 -18.23 11.27
CA LEU A 20 13.98 -17.29 11.64
C LEU A 20 14.34 -17.36 13.11
N GLU A 21 13.37 -17.54 14.00
CA GLU A 21 13.60 -17.66 15.45
C GLU A 21 14.32 -18.95 15.82
N GLU A 22 14.13 -20.01 15.02
CA GLU A 22 15.00 -21.17 15.06
C GLU A 22 16.39 -20.84 14.53
N LEU A 23 16.50 -20.24 13.35
CA LEU A 23 17.75 -20.08 12.67
C LEU A 23 18.74 -19.22 13.45
N VAL A 24 18.40 -17.96 13.78
CA VAL A 24 19.36 -17.07 14.45
C VAL A 24 19.44 -17.30 15.97
N ASN A 25 18.84 -18.37 16.50
CA ASN A 25 19.20 -18.91 17.82
C ASN A 25 20.25 -20.04 17.74
N ASN A 26 20.57 -20.54 16.54
CA ASN A 26 21.49 -21.66 16.36
C ASN A 26 22.64 -21.27 15.42
N PRO A 27 23.77 -20.71 15.90
CA PRO A 27 24.89 -20.25 15.05
C PRO A 27 25.41 -21.28 14.03
N GLU A 28 25.39 -22.55 14.43
CA GLU A 28 25.71 -23.70 13.58
C GLU A 28 24.79 -23.84 12.34
N LYS A 29 23.52 -23.45 12.47
CA LYS A 29 22.57 -23.38 11.35
C LYS A 29 22.72 -22.04 10.60
N PHE A 30 22.92 -20.94 11.32
CA PHE A 30 23.01 -19.63 10.70
C PHE A 30 24.14 -19.54 9.70
N LYS A 31 25.38 -19.89 10.08
CA LYS A 31 26.56 -19.83 9.19
C LYS A 31 26.39 -20.72 7.95
N GLU A 32 25.88 -21.92 8.13
CA GLU A 32 25.54 -22.84 7.03
C GLU A 32 24.49 -22.26 6.05
N PHE A 33 23.39 -21.71 6.56
CA PHE A 33 22.36 -21.12 5.71
C PHE A 33 22.90 -19.98 4.86
N PHE A 34 23.59 -19.01 5.45
CA PHE A 34 24.16 -17.97 4.62
C PHE A 34 25.33 -18.44 3.72
N LYS A 35 26.09 -19.47 4.07
CA LYS A 35 27.06 -20.07 3.16
C LYS A 35 26.37 -20.59 1.89
N ARG A 36 25.22 -21.26 2.01
CA ARG A 36 24.41 -21.65 0.85
C ARG A 36 23.97 -20.46 0.01
N LEU A 37 23.47 -19.39 0.62
CA LEU A 37 23.11 -18.17 -0.09
C LEU A 37 24.30 -17.52 -0.78
N LYS A 38 25.48 -17.58 -0.18
CA LYS A 38 26.70 -17.00 -0.78
C LYS A 38 27.19 -17.81 -1.96
N GLU A 39 27.11 -19.13 -1.88
CA GLU A 39 27.65 -20.07 -2.89
C GLU A 39 26.85 -20.20 -4.18
N GLU A 40 25.53 -20.39 -4.09
CA GLU A 40 24.67 -20.51 -5.28
C GLU A 40 24.64 -19.20 -6.07
N PRO A 41 24.89 -19.17 -7.39
CA PRO A 41 25.16 -17.94 -8.10
C PRO A 41 24.04 -16.90 -7.94
N GLY A 42 24.40 -15.74 -7.37
CA GLY A 42 23.51 -14.60 -7.11
C GLY A 42 22.45 -14.84 -6.05
N ALA A 43 22.34 -16.02 -5.44
CA ALA A 43 21.17 -16.38 -4.65
C ALA A 43 20.98 -15.49 -3.42
N MET A 44 22.03 -14.92 -2.84
CA MET A 44 21.86 -13.98 -1.74
C MET A 44 21.11 -12.71 -2.13
N GLU A 45 21.21 -12.25 -3.38
CA GLU A 45 20.39 -11.12 -3.85
C GLU A 45 18.91 -11.51 -4.09
N LEU A 46 18.64 -12.80 -4.38
CA LEU A 46 17.27 -13.37 -4.40
C LEU A 46 16.70 -13.52 -2.99
N PHE A 47 17.47 -13.92 -1.98
CA PHE A 47 17.02 -13.91 -0.58
C PHE A 47 16.71 -12.48 -0.14
N LEU A 48 17.63 -11.52 -0.33
CA LEU A 48 17.36 -10.16 0.08
C LEU A 48 16.18 -9.56 -0.69
N ARG A 49 16.03 -9.83 -2.00
CA ARG A 49 14.85 -9.37 -2.75
C ARG A 49 13.56 -9.91 -2.14
N ASN A 50 13.53 -11.18 -1.77
CA ASN A 50 12.37 -11.74 -1.08
C ASN A 50 12.22 -11.15 0.34
N LEU A 51 13.29 -10.91 1.10
CA LEU A 51 13.26 -10.30 2.42
C LEU A 51 12.64 -8.90 2.41
N TYR A 52 13.13 -7.96 1.59
CA TYR A 52 12.61 -6.60 1.63
C TYR A 52 11.15 -6.42 1.15
N LEU A 53 10.61 -7.43 0.47
CA LEU A 53 9.18 -7.49 0.08
C LEU A 53 8.30 -8.19 1.12
N MET A 54 8.83 -8.65 2.26
CA MET A 54 8.02 -9.30 3.32
C MET A 54 7.02 -8.36 3.96
N HIS A 55 6.03 -8.92 4.62
CA HIS A 55 5.17 -8.23 5.56
C HIS A 55 6.03 -7.44 6.55
N PRO A 56 5.79 -6.13 6.77
CA PRO A 56 6.71 -5.25 7.49
C PRO A 56 7.01 -5.68 8.94
N MET A 57 6.06 -6.33 9.65
CA MET A 57 6.27 -6.84 11.01
C MET A 57 7.31 -7.96 11.04
N VAL A 58 7.38 -8.80 10.02
CA VAL A 58 8.43 -9.84 9.91
C VAL A 58 9.79 -9.22 9.67
N GLN A 59 9.86 -8.11 8.94
CA GLN A 59 11.13 -7.41 8.72
C GLN A 59 11.66 -6.86 10.05
N ILE A 60 10.82 -6.24 10.88
CA ILE A 60 11.21 -5.80 12.23
C ILE A 60 11.54 -6.97 13.14
N TYR A 61 10.73 -8.01 13.19
CA TYR A 61 11.04 -9.14 14.05
C TYR A 61 12.37 -9.77 13.69
N PHE A 62 12.71 -9.84 12.42
CA PHE A 62 14.04 -10.29 12.01
C PHE A 62 15.15 -9.40 12.57
N LEU A 63 15.13 -8.07 12.37
CA LEU A 63 16.19 -7.21 12.91
C LEU A 63 16.23 -7.18 14.43
N GLU A 64 15.07 -7.28 15.09
CA GLU A 64 14.93 -7.45 16.52
C GLU A 64 15.61 -8.73 17.03
N LEU A 65 15.69 -9.81 16.25
CA LEU A 65 16.53 -10.97 16.60
C LEU A 65 18.01 -10.66 16.44
N LEU A 66 18.43 -10.11 15.28
CA LEU A 66 19.86 -9.91 15.02
C LEU A 66 20.50 -8.97 16.02
N VAL A 67 19.97 -7.77 16.20
CA VAL A 67 20.63 -6.75 17.02
C VAL A 67 20.80 -7.17 18.48
N GLU A 68 19.89 -8.00 18.99
CA GLU A 68 19.90 -8.60 20.34
C GLU A 68 20.65 -9.94 20.42
N ASN A 69 21.04 -10.51 19.29
CA ASN A 69 22.00 -11.61 19.18
C ASN A 69 23.25 -11.09 18.44
N PRO A 70 23.90 -10.01 18.87
CA PRO A 70 24.84 -9.29 18.04
C PRO A 70 26.06 -10.10 17.62
N GLU A 71 26.35 -11.21 18.29
CA GLU A 71 27.36 -12.20 17.87
C GLU A 71 27.05 -12.83 16.49
N LEU A 72 25.83 -12.64 15.94
CA LEU A 72 25.43 -12.96 14.59
C LEU A 72 25.21 -11.71 13.74
N PHE A 73 24.95 -10.55 14.34
CA PHE A 73 24.98 -9.29 13.59
C PHE A 73 26.37 -8.93 13.05
N LYS A 74 27.45 -9.26 13.77
CA LYS A 74 28.80 -8.96 13.26
C LYS A 74 29.11 -9.73 11.96
N LEU A 75 28.81 -11.04 11.93
CA LEU A 75 28.93 -11.87 10.74
C LEU A 75 28.01 -11.40 9.61
N PHE A 76 26.75 -11.08 9.90
CA PHE A 76 25.76 -10.75 8.87
C PHE A 76 26.20 -9.58 8.01
N PHE A 77 26.69 -8.50 8.60
CA PHE A 77 27.30 -7.43 7.84
C PHE A 77 28.78 -7.65 7.47
N GLU A 78 29.30 -8.89 7.53
CA GLU A 78 30.40 -9.28 6.63
C GLU A 78 29.82 -9.63 5.25
N TYR A 79 28.80 -10.49 5.19
CA TYR A 79 28.23 -10.95 3.91
C TYR A 79 27.82 -9.80 3.02
N LEU A 80 26.95 -8.90 3.53
CA LEU A 80 26.42 -7.80 2.75
C LEU A 80 27.46 -6.67 2.51
N GLU A 81 28.66 -6.74 3.12
CA GLU A 81 29.75 -5.80 2.80
C GLU A 81 30.71 -6.44 1.79
N GLU A 82 30.84 -7.78 1.80
CA GLU A 82 31.73 -8.57 0.94
C GLU A 82 31.26 -8.57 -0.51
N CYS A 83 29.98 -8.86 -0.81
CA CYS A 83 29.43 -8.64 -2.16
C CYS A 83 29.27 -7.12 -2.44
N PRO A 84 29.98 -6.53 -3.43
CA PRO A 84 30.09 -5.07 -3.57
C PRO A 84 28.77 -4.36 -3.93
N GLY A 85 27.84 -5.06 -4.58
CA GLY A 85 26.46 -4.54 -4.81
C GLY A 85 25.49 -4.71 -3.65
N ALA A 86 25.76 -5.66 -2.73
CA ALA A 86 24.75 -6.01 -1.75
C ALA A 86 24.46 -4.90 -0.74
N MET A 87 25.46 -4.09 -0.36
CA MET A 87 25.23 -2.95 0.55
C MET A 87 24.27 -1.92 -0.07
N GLU A 88 24.36 -1.68 -1.37
CA GLU A 88 23.40 -0.85 -2.09
C GLU A 88 22.03 -1.50 -2.15
N GLN A 89 21.98 -2.82 -2.30
CA GLN A 89 20.73 -3.57 -2.16
C GLN A 89 20.19 -3.53 -0.73
N PHE A 90 20.96 -3.16 0.30
CA PHE A 90 20.33 -2.75 1.55
C PHE A 90 19.74 -1.37 1.39
N LEU A 91 20.53 -0.30 1.23
CA LEU A 91 20.05 1.08 1.31
C LEU A 91 18.90 1.39 0.32
N LEU A 92 18.97 0.89 -0.90
CA LEU A 92 17.91 1.09 -1.90
C LEU A 92 16.69 0.19 -1.70
N ASN A 93 16.67 -0.64 -0.66
CA ASN A 93 15.45 -1.08 -0.03
C ASN A 93 15.13 -0.30 1.26
N LEU A 94 16.11 0.14 2.06
CA LEU A 94 15.86 0.87 3.31
C LEU A 94 15.06 2.15 3.09
N TYR A 95 15.36 2.92 2.05
CA TYR A 95 14.57 4.10 1.67
C TYR A 95 13.11 3.79 1.34
N LEU A 96 12.83 2.55 0.94
CA LEU A 96 11.52 2.04 0.53
C LEU A 96 10.81 1.23 1.63
N LEU A 97 11.43 0.98 2.79
CA LEU A 97 10.77 0.40 3.97
C LEU A 97 9.70 1.34 4.48
N HIS A 98 8.59 0.79 4.95
CA HIS A 98 7.48 1.57 5.50
C HIS A 98 7.94 2.42 6.72
N PRO A 99 7.48 3.69 6.89
CA PRO A 99 8.09 4.60 7.85
C PRO A 99 8.15 4.10 9.28
N MET A 100 7.13 3.36 9.76
CA MET A 100 7.14 2.74 11.09
C MET A 100 8.30 1.75 11.25
N VAL A 101 8.62 1.00 10.19
CA VAL A 101 9.75 0.05 10.17
C VAL A 101 11.08 0.81 10.19
N GLN A 102 11.22 1.91 9.44
CA GLN A 102 12.47 2.66 9.50
C GLN A 102 12.66 3.26 10.91
N ILE A 103 11.60 3.73 11.54
CA ILE A 103 11.69 4.29 12.89
C ILE A 103 12.14 3.22 13.87
N GLU A 104 11.52 2.05 13.84
CA GLU A 104 11.88 0.96 14.73
C GLU A 104 13.29 0.38 14.45
N PHE A 105 13.73 0.32 13.20
CA PHE A 105 15.12 0.04 12.86
C PHE A 105 16.06 1.08 13.49
N LEU A 106 15.82 2.39 13.28
CA LEU A 106 16.70 3.44 13.80
C LEU A 106 16.80 3.39 15.32
N LYS A 107 15.64 3.36 16.00
CA LYS A 107 15.58 3.18 17.46
C LYS A 107 16.41 1.97 17.91
N LEU A 108 16.31 0.83 17.20
CA LEU A 108 16.99 -0.41 17.55
C LEU A 108 18.53 -0.27 17.48
N LEU A 109 19.07 0.52 16.53
CA LEU A 109 20.51 0.81 16.47
C LEU A 109 20.91 1.86 17.50
N VAL A 110 20.16 2.94 17.68
CA VAL A 110 20.52 4.02 18.61
C VAL A 110 20.58 3.53 20.07
N GLU A 111 19.74 2.56 20.47
CA GLU A 111 19.81 1.85 21.76
C GLU A 111 21.00 0.88 21.90
N ASN A 112 21.81 0.66 20.87
CA ASN A 112 22.99 -0.21 20.90
C ASN A 112 24.17 0.44 20.13
N PRO A 113 24.78 1.50 20.69
CA PRO A 113 25.64 2.41 19.92
C PRO A 113 26.86 1.74 19.30
N GLU A 114 27.38 0.67 19.89
CA GLU A 114 28.48 -0.06 19.30
C GLU A 114 28.03 -0.75 18.01
N LEU A 115 26.81 -1.31 17.93
CA LEU A 115 26.29 -1.94 16.71
C LEU A 115 25.89 -0.88 15.68
N PHE A 116 25.51 0.32 16.13
CA PHE A 116 25.42 1.47 15.23
C PHE A 116 26.78 1.81 14.62
N ARG A 117 27.86 1.95 15.42
CA ARG A 117 29.19 2.29 14.88
C ARG A 117 29.71 1.24 13.91
N LEU A 118 29.55 -0.05 14.25
CA LEU A 118 29.91 -1.18 13.40
C LEU A 118 29.24 -1.11 12.01
N PHE A 119 27.92 -0.93 11.98
CA PHE A 119 27.20 -0.71 10.73
C PHE A 119 27.71 0.52 9.97
N PHE A 120 27.92 1.66 10.64
CA PHE A 120 28.32 2.90 9.99
C PHE A 120 29.70 2.80 9.36
N GLU A 121 30.66 2.14 10.00
CA GLU A 121 31.96 1.86 9.37
C GLU A 121 31.85 0.96 8.15
N TYR A 122 31.01 -0.06 8.12
CA TYR A 122 30.86 -0.89 6.91
C TYR A 122 30.39 -0.09 5.71
N LEU A 123 29.62 0.99 5.89
CA LEU A 123 29.24 1.86 4.77
C LEU A 123 30.48 2.51 4.13
N LYS A 124 31.46 2.89 4.94
CA LYS A 124 32.68 3.55 4.42
C LYS A 124 33.67 2.54 3.82
N ARG A 125 33.66 1.32 4.32
CA ARG A 125 34.56 0.21 3.90
C ARG A 125 34.07 -0.55 2.67
N CYS A 126 32.75 -0.66 2.48
CA CYS A 126 32.19 -0.89 1.15
C CYS A 126 32.51 0.32 0.25
N PRO A 127 32.82 0.16 -1.05
CA PRO A 127 33.25 1.28 -1.89
C PRO A 127 32.25 2.42 -2.02
N GLY A 128 32.71 3.67 -1.86
CA GLY A 128 31.87 4.88 -1.99
C GLY A 128 30.69 4.91 -1.00
N ALA A 129 29.46 4.78 -1.52
CA ALA A 129 28.21 4.53 -0.83
C ALA A 129 27.68 5.57 0.17
N LEU A 130 28.50 6.19 1.01
CA LEU A 130 28.02 7.02 2.15
C LEU A 130 27.13 8.19 1.73
N GLU A 131 27.36 8.78 0.55
CA GLU A 131 26.55 9.88 0.00
C GLU A 131 25.08 9.48 -0.24
N LEU A 132 24.85 8.20 -0.53
CA LEU A 132 23.49 7.66 -0.64
C LEU A 132 22.79 7.66 0.72
N PHE A 133 23.50 7.33 1.81
CA PHE A 133 22.92 7.38 3.16
C PHE A 133 22.54 8.81 3.54
N LYS A 134 23.41 9.79 3.27
CA LYS A 134 23.08 11.22 3.48
C LYS A 134 21.86 11.63 2.66
N GLU A 135 21.78 11.20 1.41
CA GLU A 135 20.62 11.51 0.59
C GLU A 135 19.32 10.86 1.13
N ILE A 136 19.38 9.60 1.57
CA ILE A 136 18.20 8.87 2.05
C ILE A 136 17.53 9.59 3.21
N ILE A 137 18.29 9.99 4.24
CA ILE A 137 17.73 10.74 5.37
C ILE A 137 17.15 12.08 4.91
N GLU A 138 17.77 12.77 3.94
CA GLU A 138 17.23 14.02 3.39
C GLU A 138 15.91 13.86 2.62
N LEU A 139 15.58 12.66 2.15
CA LEU A 139 14.32 12.38 1.39
C LEU A 139 13.15 11.79 2.20
N LEU A 140 13.29 11.60 3.52
CA LEU A 140 12.20 11.11 4.37
C LEU A 140 11.15 12.20 4.64
N ASP A 141 9.99 11.85 5.18
CA ASP A 141 8.98 12.86 5.58
C ASP A 141 9.51 13.91 6.57
N PRO A 142 9.10 15.18 6.55
CA PRO A 142 9.60 16.20 7.47
C PRO A 142 9.39 15.82 8.95
N ILE A 143 8.22 15.24 9.25
CA ILE A 143 7.91 14.64 10.55
C ILE A 143 8.92 13.55 10.92
N ILE A 144 9.21 12.61 10.02
CA ILE A 144 10.21 11.56 10.28
C ILE A 144 11.60 12.15 10.49
N GLN A 145 12.06 13.09 9.66
CA GLN A 145 13.37 13.69 9.77
C GLN A 145 13.55 14.39 11.12
N LYS A 146 12.58 15.22 11.51
CA LYS A 146 12.57 15.89 12.82
C LYS A 146 12.60 14.90 13.97
N TYR A 147 11.75 13.90 13.89
CA TYR A 147 11.69 12.87 14.92
C TYR A 147 13.00 12.07 15.07
N LEU A 148 13.62 11.60 13.97
CA LEU A 148 14.93 10.92 14.00
C LEU A 148 16.03 11.81 14.56
N LYS A 149 16.01 13.12 14.27
CA LYS A 149 16.98 14.06 14.87
C LYS A 149 16.81 14.12 16.39
N LYS A 150 15.58 14.35 16.89
CA LYS A 150 15.27 14.35 18.33
C LYS A 150 15.53 12.99 19.02
N LEU A 151 15.30 11.87 18.32
CA LEU A 151 15.61 10.54 18.82
C LEU A 151 17.14 10.33 18.93
N LEU A 152 17.92 10.75 17.93
CA LEU A 152 19.37 10.61 17.94
C LEU A 152 20.03 11.51 19.00
N GLU A 153 19.44 12.66 19.33
CA GLU A 153 19.88 13.56 20.42
C GLU A 153 19.86 12.88 21.80
N GLU A 154 19.19 11.74 21.95
CA GLU A 154 19.32 10.89 23.14
C GLU A 154 20.76 10.37 23.35
N ASN A 155 21.61 10.36 22.31
CA ASN A 155 23.02 10.02 22.40
C ASN A 155 23.92 11.05 21.70
N PRO A 156 24.46 12.05 22.43
CA PRO A 156 25.36 13.06 21.88
C PRO A 156 26.64 12.51 21.21
N GLU A 157 27.16 11.38 21.66
CA GLU A 157 28.30 10.71 21.01
C GLU A 157 27.96 10.34 19.57
N LEU A 158 26.78 9.74 19.34
CA LEU A 158 26.25 9.36 18.03
C LEU A 158 25.83 10.60 17.23
N LYS A 159 25.38 11.70 17.88
CA LYS A 159 25.23 13.02 17.22
C LYS A 159 26.58 13.43 16.64
N ALA A 160 27.66 13.35 17.41
CA ALA A 160 28.98 13.65 16.87
C ALA A 160 29.37 12.67 15.74
N LEU A 161 29.08 11.37 15.94
CA LEU A 161 29.37 10.30 14.98
C LEU A 161 28.68 10.50 13.62
N VAL A 162 27.44 10.99 13.58
CA VAL A 162 26.78 11.36 12.32
C VAL A 162 27.23 12.73 11.78
N LYS A 163 27.63 13.67 12.66
CA LYS A 163 28.15 14.99 12.23
C LYS A 163 29.57 14.98 11.65
N GLU A 164 30.42 14.04 12.05
CA GLU A 164 31.83 13.97 11.65
C GLU A 164 32.10 13.44 10.24
N VAL A 165 31.08 13.32 9.38
CA VAL A 165 31.15 12.86 7.97
C VAL A 165 30.47 13.82 6.99
N MET B 1 5.16 -14.33 27.70
CA MET B 1 4.45 -13.03 27.52
C MET B 1 4.37 -12.60 26.05
N LYS B 2 5.48 -12.19 25.40
CA LYS B 2 5.49 -11.50 24.07
C LYS B 2 4.71 -12.26 22.98
N LYS B 3 4.78 -13.61 23.01
CA LYS B 3 4.09 -14.52 22.09
C LYS B 3 2.59 -14.28 21.98
N GLU B 4 1.92 -13.85 23.04
CA GLU B 4 0.51 -13.53 22.97
C GLU B 4 0.21 -12.40 21.98
N LEU B 5 1.04 -11.34 21.97
CA LEU B 5 0.81 -10.16 21.15
C LEU B 5 1.11 -10.43 19.69
N TYR B 6 2.09 -11.27 19.35
CA TYR B 6 2.31 -11.73 17.99
C TYR B 6 1.20 -12.69 17.54
N GLU B 7 0.86 -13.72 18.33
CA GLU B 7 -0.23 -14.63 18.00
C GLU B 7 -1.51 -13.87 17.69
N PHE B 8 -1.92 -12.97 18.59
CA PHE B 8 -3.05 -12.06 18.36
C PHE B 8 -2.91 -11.29 17.04
N TYR B 9 -1.80 -10.60 16.80
CA TYR B 9 -1.61 -9.80 15.57
C TYR B 9 -1.70 -10.63 14.27
N PHE B 10 -1.21 -11.88 14.30
CA PHE B 10 -1.26 -12.82 13.19
C PHE B 10 -2.54 -13.69 13.12
N MET B 11 -3.50 -13.52 14.01
CA MET B 11 -4.81 -14.12 13.76
C MET B 11 -5.51 -13.45 12.55
N PRO B 12 -6.44 -14.12 11.84
CA PRO B 12 -7.28 -13.46 10.84
C PRO B 12 -8.18 -12.39 11.50
N PRO B 13 -8.51 -11.27 10.84
CA PRO B 13 -9.08 -10.09 11.47
C PRO B 13 -10.40 -10.37 12.19
N LEU B 14 -11.27 -11.26 11.72
CA LEU B 14 -12.48 -11.63 12.46
C LEU B 14 -12.22 -12.15 13.87
N LYS B 15 -11.14 -12.90 14.08
CA LYS B 15 -10.76 -13.36 15.41
C LYS B 15 -10.26 -12.20 16.27
N GLN B 16 -9.55 -11.23 15.70
CA GLN B 16 -9.14 -10.06 16.43
C GLN B 16 -10.34 -9.20 16.81
N ILE B 17 -11.26 -8.96 15.88
CA ILE B 17 -12.47 -8.19 16.20
C ILE B 17 -13.31 -8.90 17.28
N GLU B 18 -13.47 -10.23 17.20
CA GLU B 18 -14.10 -11.03 18.29
C GLU B 18 -13.41 -10.84 19.62
N PHE B 19 -12.07 -10.89 19.64
CA PHE B 19 -11.29 -10.71 20.84
C PHE B 19 -11.45 -9.31 21.47
N LEU B 20 -11.45 -8.25 20.66
CA LEU B 20 -11.66 -6.89 21.12
C LEU B 20 -13.12 -6.62 21.51
N GLU B 21 -14.07 -7.19 20.78
CA GLU B 21 -15.50 -7.07 21.06
C GLU B 21 -15.87 -7.78 22.37
N GLU B 22 -15.15 -8.81 22.75
CA GLU B 22 -15.25 -9.32 24.13
C GLU B 22 -14.55 -8.37 25.11
N LEU B 23 -13.28 -8.03 24.84
CA LEU B 23 -12.43 -7.37 25.83
C LEU B 23 -12.96 -6.02 26.32
N VAL B 24 -13.25 -5.08 25.45
CA VAL B 24 -13.79 -3.77 25.87
C VAL B 24 -15.31 -3.74 26.07
N ASN B 25 -16.00 -4.90 26.04
CA ASN B 25 -17.33 -5.05 26.64
C ASN B 25 -17.27 -5.63 28.05
N ASN B 26 -16.08 -5.94 28.59
CA ASN B 26 -15.92 -6.50 29.93
C ASN B 26 -14.84 -5.71 30.72
N PRO B 27 -15.22 -4.63 31.43
CA PRO B 27 -14.26 -3.75 32.09
C PRO B 27 -13.29 -4.49 33.04
N GLU B 28 -13.76 -5.56 33.70
CA GLU B 28 -12.97 -6.46 34.55
C GLU B 28 -11.88 -7.21 33.78
N LYS B 29 -12.05 -7.47 32.48
CA LYS B 29 -10.97 -7.96 31.60
C LYS B 29 -10.12 -6.83 31.03
N PHE B 30 -10.71 -5.69 30.67
CA PHE B 30 -10.02 -4.55 30.08
C PHE B 30 -8.89 -4.07 30.98
N LYS B 31 -9.19 -3.73 32.23
CA LYS B 31 -8.20 -3.20 33.18
C LYS B 31 -7.07 -4.19 33.48
N GLU B 32 -7.38 -5.48 33.55
CA GLU B 32 -6.37 -6.55 33.72
C GLU B 32 -5.43 -6.65 32.50
N PHE B 33 -5.97 -6.67 31.28
CA PHE B 33 -5.15 -6.73 30.07
C PHE B 33 -4.21 -5.53 29.94
N PHE B 34 -4.69 -4.32 30.16
CA PHE B 34 -3.77 -3.19 30.09
C PHE B 34 -2.78 -3.13 31.28
N LYS B 35 -3.13 -3.65 32.45
CA LYS B 35 -2.16 -3.73 33.56
C LYS B 35 -0.99 -4.64 33.16
N ARG B 36 -1.27 -5.80 32.57
CA ARG B 36 -0.23 -6.69 32.00
C ARG B 36 0.62 -5.96 30.96
N LEU B 37 0.03 -5.18 30.06
CA LEU B 37 0.83 -4.42 29.10
C LEU B 37 1.70 -3.33 29.70
N LYS B 38 1.26 -2.64 30.77
CA LYS B 38 2.11 -1.61 31.41
C LYS B 38 3.20 -2.24 32.29
N GLU B 39 2.87 -3.34 32.98
CA GLU B 39 3.77 -4.01 33.93
C GLU B 39 4.94 -4.77 33.28
N GLU B 40 4.72 -5.54 32.22
CA GLU B 40 5.83 -6.19 31.53
C GLU B 40 6.68 -5.15 30.76
N PRO B 41 8.00 -5.05 31.00
CA PRO B 41 8.80 -3.91 30.60
C PRO B 41 8.78 -3.64 29.09
N GLY B 42 8.26 -2.47 28.72
CA GLY B 42 8.07 -2.03 27.32
C GLY B 42 6.93 -2.70 26.55
N ALA B 43 6.19 -3.67 27.10
CA ALA B 43 5.16 -4.36 26.33
C ALA B 43 4.06 -3.44 25.80
N MET B 44 3.70 -2.37 26.50
CA MET B 44 2.78 -1.37 25.96
C MET B 44 3.28 -0.75 24.64
N GLU B 45 4.58 -0.66 24.40
CA GLU B 45 5.06 -0.21 23.07
C GLU B 45 4.85 -1.29 22.00
N LEU B 46 4.97 -2.57 22.34
CA LEU B 46 4.82 -3.70 21.41
C LEU B 46 3.34 -3.96 21.07
N PHE B 47 2.40 -3.80 22.00
CA PHE B 47 1.00 -3.82 21.67
C PHE B 47 0.66 -2.67 20.74
N LEU B 48 1.10 -1.44 21.01
CA LEU B 48 0.77 -0.34 20.13
C LEU B 48 1.49 -0.44 18.78
N ARG B 49 2.75 -0.87 18.69
CA ARG B 49 3.38 -1.17 17.40
C ARG B 49 2.58 -2.17 16.60
N ASN B 50 2.12 -3.26 17.20
CA ASN B 50 1.29 -4.22 16.48
C ASN B 50 -0.07 -3.61 16.11
N LEU B 51 -0.64 -2.70 16.92
CA LEU B 51 -1.94 -2.06 16.64
C LEU B 51 -1.86 -1.19 15.38
N TYR B 52 -0.90 -0.26 15.27
CA TYR B 52 -0.90 0.65 14.12
C TYR B 52 -0.61 -0.02 12.79
N LEU B 53 -0.03 -1.22 12.78
CA LEU B 53 0.21 -2.07 11.61
C LEU B 53 -0.99 -2.99 11.22
N MET B 54 -2.13 -2.95 11.94
CA MET B 54 -3.28 -3.81 11.61
C MET B 54 -3.98 -3.41 10.31
N HIS B 55 -4.81 -4.30 9.79
CA HIS B 55 -5.76 -3.99 8.72
C HIS B 55 -6.63 -2.77 9.12
N PRO B 56 -6.74 -1.72 8.29
CA PRO B 56 -7.39 -0.46 8.68
C PRO B 56 -8.79 -0.57 9.26
N MET B 57 -9.58 -1.57 8.86
CA MET B 57 -10.91 -1.80 9.42
C MET B 57 -10.88 -2.25 10.86
N VAL B 58 -9.91 -3.04 11.30
CA VAL B 58 -9.75 -3.38 12.73
C VAL B 58 -9.37 -2.16 13.54
N GLN B 59 -8.61 -1.24 12.96
CA GLN B 59 -8.22 -0.01 13.67
C GLN B 59 -9.43 0.90 13.85
N ILE B 60 -10.21 1.15 12.80
CA ILE B 60 -11.49 1.90 12.88
C ILE B 60 -12.44 1.23 13.87
N TYR B 61 -12.66 -0.07 13.74
CA TYR B 61 -13.55 -0.80 14.61
C TYR B 61 -13.13 -0.71 16.08
N PHE B 62 -11.83 -0.75 16.38
CA PHE B 62 -11.39 -0.59 17.76
C PHE B 62 -11.76 0.78 18.32
N LEU B 63 -11.43 1.88 17.62
CA LEU B 63 -11.84 3.22 18.07
C LEU B 63 -13.37 3.36 18.16
N GLU B 64 -14.11 2.73 17.26
CA GLU B 64 -15.57 2.67 17.30
C GLU B 64 -16.10 1.97 18.55
N LEU B 65 -15.38 0.98 19.10
CA LEU B 65 -15.73 0.44 20.40
C LEU B 65 -15.41 1.43 21.53
N LEU B 66 -14.20 1.98 21.59
CA LEU B 66 -13.82 2.80 22.74
C LEU B 66 -14.67 4.07 22.87
N VAL B 67 -14.82 4.84 21.79
CA VAL B 67 -15.51 6.14 21.82
C VAL B 67 -16.96 5.97 22.26
N GLU B 68 -17.59 4.86 21.89
CA GLU B 68 -18.96 4.53 22.30
C GLU B 68 -19.05 3.80 23.64
N ASN B 69 -17.91 3.40 24.24
CA ASN B 69 -17.79 2.90 25.60
C ASN B 69 -16.94 3.86 26.43
N PRO B 70 -17.28 5.14 26.57
CA PRO B 70 -16.38 6.19 27.04
C PRO B 70 -15.88 6.01 28.48
N GLU B 71 -16.57 5.25 29.32
CA GLU B 71 -16.09 4.78 30.62
C GLU B 71 -14.80 3.96 30.56
N LEU B 72 -14.43 3.47 29.38
CA LEU B 72 -13.14 2.86 29.08
C LEU B 72 -12.21 3.76 28.25
N PHE B 73 -12.72 4.68 27.42
CA PHE B 73 -11.89 5.68 26.74
C PHE B 73 -11.20 6.60 27.74
N LYS B 74 -11.89 6.99 28.81
CA LYS B 74 -11.28 7.75 29.90
C LYS B 74 -10.04 7.06 30.47
N LEU B 75 -10.15 5.79 30.83
CA LEU B 75 -9.02 5.00 31.34
C LEU B 75 -7.92 4.80 30.30
N PHE B 76 -8.25 4.47 29.06
CA PHE B 76 -7.29 4.16 28.04
C PHE B 76 -6.28 5.27 27.82
N PHE B 77 -6.72 6.50 27.56
CA PHE B 77 -5.76 7.59 27.47
C PHE B 77 -5.19 8.02 28.82
N GLU B 78 -5.69 7.53 29.95
CA GLU B 78 -4.94 7.64 31.21
C GLU B 78 -3.70 6.74 31.21
N TYR B 79 -3.80 5.51 30.73
CA TYR B 79 -2.65 4.60 30.64
C TYR B 79 -1.53 5.16 29.79
N LEU B 80 -1.82 5.65 28.59
CA LEU B 80 -0.82 6.28 27.72
C LEU B 80 -0.30 7.57 28.37
N GLU B 81 -1.12 8.40 29.00
CA GLU B 81 -0.60 9.58 29.68
C GLU B 81 0.32 9.23 30.86
N GLU B 82 0.08 8.13 31.55
CA GLU B 82 0.99 7.59 32.57
C GLU B 82 2.15 6.76 32.01
N CYS B 83 2.40 6.83 30.71
CA CYS B 83 3.55 6.18 30.07
C CYS B 83 4.23 7.14 29.06
N PRO B 84 5.02 8.12 29.55
CA PRO B 84 5.59 9.17 28.73
C PRO B 84 6.44 8.60 27.58
N GLY B 85 6.31 9.21 26.40
CA GLY B 85 6.75 8.66 25.13
C GLY B 85 5.65 8.00 24.33
N ALA B 86 4.66 7.37 24.97
CA ALA B 86 3.52 6.77 24.25
C ALA B 86 2.68 7.82 23.50
N MET B 87 2.49 9.03 24.04
CA MET B 87 1.79 10.09 23.32
C MET B 87 2.55 10.56 22.05
N GLU B 88 3.88 10.48 22.03
CA GLU B 88 4.68 10.72 20.81
C GLU B 88 4.39 9.60 19.79
N GLN B 89 4.45 8.35 20.26
CA GLN B 89 4.19 7.19 19.42
C GLN B 89 2.76 7.17 18.85
N PHE B 90 1.79 7.69 19.59
CA PHE B 90 0.44 7.89 19.10
C PHE B 90 0.45 8.78 17.86
N LEU B 91 0.77 10.07 17.97
CA LEU B 91 0.68 11.03 16.85
C LEU B 91 1.50 10.58 15.66
N LEU B 92 2.73 10.11 15.90
CA LEU B 92 3.67 9.64 14.89
C LEU B 92 3.26 8.33 14.22
N ASN B 93 2.19 7.68 14.69
CA ASN B 93 1.49 6.67 13.93
C ASN B 93 0.18 7.20 13.34
N LEU B 94 -0.49 8.14 14.00
CA LEU B 94 -1.71 8.76 13.44
C LEU B 94 -1.46 9.43 12.09
N TYR B 95 -0.38 10.21 11.98
CA TYR B 95 0.06 10.82 10.71
C TYR B 95 0.25 9.82 9.57
N LEU B 96 0.55 8.58 9.89
CA LEU B 96 0.78 7.49 8.94
C LEU B 96 -0.46 6.60 8.73
N LEU B 97 -1.59 6.85 9.42
CA LEU B 97 -2.84 6.14 9.15
C LEU B 97 -3.36 6.43 7.75
N HIS B 98 -4.09 5.48 7.15
CA HIS B 98 -4.73 5.64 5.86
C HIS B 98 -5.80 6.75 5.94
N PRO B 99 -5.93 7.67 4.97
CA PRO B 99 -6.79 8.85 5.13
C PRO B 99 -8.23 8.56 5.52
N MET B 100 -8.80 7.45 5.08
CA MET B 100 -10.16 7.02 5.45
C MET B 100 -10.27 6.74 6.96
N VAL B 101 -9.20 6.25 7.60
CA VAL B 101 -9.14 6.06 9.06
C VAL B 101 -9.00 7.37 9.81
N GLN B 102 -8.15 8.30 9.38
CA GLN B 102 -8.05 9.59 10.00
C GLN B 102 -9.39 10.34 9.97
N ILE B 103 -10.07 10.24 8.83
CA ILE B 103 -11.39 10.84 8.62
C ILE B 103 -12.40 10.26 9.59
N GLU B 104 -12.47 8.94 9.74
CA GLU B 104 -13.40 8.32 10.69
C GLU B 104 -13.03 8.59 12.16
N PHE B 105 -11.74 8.59 12.52
CA PHE B 105 -11.30 9.00 13.84
C PHE B 105 -11.78 10.43 14.18
N LEU B 106 -11.49 11.41 13.31
CA LEU B 106 -11.96 12.79 13.47
C LEU B 106 -13.48 12.84 13.62
N LYS B 107 -14.22 12.14 12.74
CA LYS B 107 -15.68 12.09 12.84
C LYS B 107 -16.12 11.59 14.21
N LEU B 108 -15.53 10.51 14.71
CA LEU B 108 -15.88 9.95 16.01
C LEU B 108 -15.62 10.95 17.15
N LEU B 109 -14.58 11.77 17.10
CA LEU B 109 -14.37 12.76 18.14
C LEU B 109 -15.30 13.96 18.05
N VAL B 110 -15.46 14.59 16.88
CA VAL B 110 -16.31 15.78 16.82
C VAL B 110 -17.81 15.46 17.08
N GLU B 111 -18.26 14.23 16.78
CA GLU B 111 -19.61 13.77 17.10
C GLU B 111 -19.77 13.35 18.58
N ASN B 112 -18.74 13.45 19.40
CA ASN B 112 -18.79 13.18 20.85
C ASN B 112 -17.95 14.22 21.64
N PRO B 113 -18.44 15.46 21.80
CA PRO B 113 -17.61 16.60 22.17
C PRO B 113 -16.83 16.45 23.48
N GLU B 114 -17.41 15.81 24.48
CA GLU B 114 -16.71 15.53 25.75
C GLU B 114 -15.37 14.83 25.50
N LEU B 115 -15.41 13.81 24.65
CA LEU B 115 -14.29 12.92 24.37
C LEU B 115 -13.28 13.54 23.42
N PHE B 116 -13.68 14.53 22.63
CA PHE B 116 -12.73 15.42 21.94
C PHE B 116 -11.93 16.25 22.95
N ARG B 117 -12.61 16.93 23.89
CA ARG B 117 -11.91 17.83 24.81
C ARG B 117 -10.99 17.05 25.77
N LEU B 118 -11.46 15.92 26.28
CA LEU B 118 -10.69 14.99 27.09
C LEU B 118 -9.39 14.58 26.37
N PHE B 119 -9.46 14.19 25.11
CA PHE B 119 -8.26 13.88 24.33
C PHE B 119 -7.35 15.11 24.22
N PHE B 120 -7.93 16.26 23.91
CA PHE B 120 -7.22 17.52 23.67
C PHE B 120 -6.45 18.01 24.91
N GLU B 121 -6.98 17.78 26.10
CA GLU B 121 -6.27 18.03 27.36
C GLU B 121 -4.95 17.26 27.46
N TYR B 122 -4.91 15.97 27.14
CA TYR B 122 -3.67 15.21 27.24
C TYR B 122 -2.59 15.71 26.25
N LEU B 123 -2.95 16.38 25.14
CA LEU B 123 -1.96 16.96 24.25
C LEU B 123 -1.18 18.12 24.90
N LYS B 124 -1.76 18.77 25.90
CA LYS B 124 -1.08 19.72 26.78
C LYS B 124 -0.29 18.95 27.84
N ARG B 125 -0.91 17.92 28.43
CA ARG B 125 -0.45 17.23 29.63
C ARG B 125 0.80 16.38 29.41
N CYS B 126 0.87 15.67 28.29
CA CYS B 126 2.13 15.11 27.80
C CYS B 126 3.04 16.28 27.32
N PRO B 127 4.25 16.45 27.85
CA PRO B 127 5.02 17.69 27.69
C PRO B 127 5.18 18.14 26.20
N GLY B 128 4.59 19.29 25.88
CA GLY B 128 4.73 19.95 24.58
C GLY B 128 4.23 19.18 23.34
N ALA B 129 3.46 18.10 23.46
CA ALA B 129 3.04 17.28 22.31
C ALA B 129 2.10 18.03 21.32
N LEU B 130 1.37 19.03 21.83
CA LEU B 130 0.39 19.83 21.08
C LEU B 130 0.95 20.36 19.74
N GLU B 131 2.17 20.87 19.75
CA GLU B 131 2.80 21.42 18.55
C GLU B 131 2.96 20.38 17.43
N LEU B 132 3.23 19.13 17.81
CA LEU B 132 3.33 18.04 16.83
C LEU B 132 1.93 17.73 16.27
N PHE B 133 0.86 17.79 17.08
CA PHE B 133 -0.49 17.61 16.54
C PHE B 133 -0.86 18.73 15.55
N LYS B 134 -0.64 19.99 15.87
CA LYS B 134 -0.87 21.10 14.95
C LYS B 134 -0.09 20.90 13.66
N GLU B 135 1.21 20.60 13.75
CA GLU B 135 2.04 20.38 12.57
C GLU B 135 1.55 19.22 11.70
N ILE B 136 1.20 18.09 12.31
CA ILE B 136 0.65 16.96 11.55
C ILE B 136 -0.62 17.34 10.81
N ILE B 137 -1.54 18.09 11.42
CA ILE B 137 -2.75 18.54 10.74
C ILE B 137 -2.42 19.43 9.54
N GLU B 138 -1.37 20.26 9.56
CA GLU B 138 -0.92 21.00 8.38
C GLU B 138 -0.31 20.13 7.27
N LEU B 139 0.06 18.88 7.54
CA LEU B 139 0.76 18.01 6.60
C LEU B 139 -0.16 16.88 6.08
N LEU B 140 -1.29 17.24 5.46
CA LEU B 140 -2.28 16.34 4.85
C LEU B 140 -2.72 16.87 3.46
N ASP B 141 -3.34 16.04 2.60
CA ASP B 141 -3.76 16.44 1.26
C ASP B 141 -4.69 17.67 1.33
N PRO B 142 -4.58 18.68 0.45
CA PRO B 142 -5.23 19.98 0.66
C PRO B 142 -6.76 19.89 0.72
N ILE B 143 -7.38 18.99 -0.08
CA ILE B 143 -8.83 18.73 -0.01
C ILE B 143 -9.26 18.02 1.29
N ILE B 144 -8.37 17.22 1.89
CA ILE B 144 -8.65 16.59 3.17
C ILE B 144 -8.51 17.59 4.30
N GLN B 145 -7.51 18.50 4.27
CA GLN B 145 -7.44 19.61 5.22
C GLN B 145 -8.70 20.46 5.18
N LYS B 146 -9.21 20.88 4.00
CA LYS B 146 -10.47 21.65 3.93
C LYS B 146 -11.67 20.83 4.38
N TYR B 147 -11.67 19.53 4.09
CA TYR B 147 -12.77 18.65 4.54
C TYR B 147 -12.84 18.54 6.06
N LEU B 148 -11.71 18.36 6.75
CA LEU B 148 -11.63 18.37 8.21
C LEU B 148 -12.01 19.74 8.81
N LYS B 149 -11.63 20.87 8.20
CA LYS B 149 -12.14 22.19 8.63
C LYS B 149 -13.66 22.29 8.47
N LYS B 150 -14.21 21.96 7.30
CA LYS B 150 -15.67 21.98 7.04
C LYS B 150 -16.43 21.08 8.01
N LEU B 151 -15.88 19.90 8.36
CA LEU B 151 -16.44 18.99 9.33
C LEU B 151 -16.39 19.57 10.76
N LEU B 152 -15.24 20.09 11.18
CA LEU B 152 -15.07 20.64 12.54
C LEU B 152 -15.92 21.89 12.77
N GLU B 153 -16.06 22.74 11.76
CA GLU B 153 -16.86 23.96 11.82
C GLU B 153 -18.36 23.69 12.15
N GLU B 154 -18.85 22.45 12.04
CA GLU B 154 -20.16 22.07 12.53
C GLU B 154 -20.33 22.28 14.06
N ASN B 155 -19.23 22.35 14.82
CA ASN B 155 -19.23 22.78 16.19
C ASN B 155 -18.26 23.97 16.41
N PRO B 156 -18.76 25.22 16.41
CA PRO B 156 -17.97 26.42 16.64
C PRO B 156 -17.16 26.43 17.93
N GLU B 157 -17.60 25.78 19.01
CA GLU B 157 -16.81 25.66 20.24
C GLU B 157 -15.52 24.85 20.02
N LEU B 158 -15.60 23.70 19.34
CA LEU B 158 -14.43 22.87 19.05
C LEU B 158 -13.58 23.53 17.95
N LYS B 159 -14.21 24.21 16.97
CA LYS B 159 -13.53 25.12 16.02
C LYS B 159 -12.70 26.18 16.74
N ALA B 160 -13.28 26.84 17.76
CA ALA B 160 -12.53 27.75 18.62
C ALA B 160 -11.41 27.03 19.37
N LEU B 161 -11.70 25.86 19.97
CA LEU B 161 -10.76 25.06 20.75
C LEU B 161 -9.47 24.71 19.97
N VAL B 162 -9.53 24.38 18.67
CA VAL B 162 -8.31 24.17 17.86
C VAL B 162 -7.61 25.45 17.38
N LYS B 163 -8.31 26.59 17.39
CA LYS B 163 -7.77 27.91 16.97
C LYS B 163 -7.12 28.70 18.13
N GLU B 164 -7.56 28.49 19.36
CA GLU B 164 -6.98 29.15 20.55
C GLU B 164 -5.65 28.53 21.07
N VAL B 165 -4.96 27.76 20.24
CA VAL B 165 -3.69 27.05 20.52
C VAL B 165 -2.62 27.24 19.46
N MET C 1 -28.21 -6.76 11.97
CA MET C 1 -27.64 -5.88 10.92
C MET C 1 -26.11 -5.85 10.93
N LYS C 2 -25.44 -5.06 11.78
CA LYS C 2 -24.03 -4.68 11.63
C LYS C 2 -23.06 -5.84 11.33
N LYS C 3 -23.25 -7.00 11.99
CA LYS C 3 -22.41 -8.20 11.78
C LYS C 3 -22.48 -8.73 10.35
N GLU C 4 -23.58 -8.58 9.62
CA GLU C 4 -23.66 -8.94 8.18
C GLU C 4 -22.66 -8.17 7.32
N LEU C 5 -22.59 -6.85 7.47
CA LEU C 5 -21.72 -6.02 6.60
C LEU C 5 -20.24 -6.28 6.86
N TYR C 6 -19.85 -6.62 8.09
CA TYR C 6 -18.50 -7.11 8.37
C TYR C 6 -18.27 -8.55 7.94
N GLU C 7 -19.24 -9.44 8.15
CA GLU C 7 -19.16 -10.80 7.66
C GLU C 7 -18.93 -10.83 6.14
N PHE C 8 -19.70 -10.07 5.37
CA PHE C 8 -19.46 -9.84 3.97
C PHE C 8 -18.02 -9.35 3.72
N TYR C 9 -17.63 -8.24 4.36
CA TYR C 9 -16.35 -7.58 4.07
C TYR C 9 -15.14 -8.46 4.35
N PHE C 10 -15.26 -9.35 5.33
CA PHE C 10 -14.18 -10.27 5.72
C PHE C 10 -14.32 -11.66 5.11
N MET C 11 -15.29 -11.91 4.18
CA MET C 11 -15.19 -13.10 3.33
C MET C 11 -14.00 -12.98 2.35
N PRO C 12 -13.46 -14.08 1.82
CA PRO C 12 -12.48 -14.06 0.72
C PRO C 12 -13.08 -13.43 -0.56
N PRO C 13 -12.31 -12.73 -1.41
CA PRO C 13 -12.83 -12.00 -2.56
C PRO C 13 -13.75 -12.81 -3.48
N LEU C 14 -13.43 -14.08 -3.75
CA LEU C 14 -14.27 -14.95 -4.58
C LEU C 14 -15.72 -15.06 -4.10
N LYS C 15 -15.91 -15.09 -2.77
CA LYS C 15 -17.23 -15.10 -2.16
C LYS C 15 -17.94 -13.75 -2.27
N GLN C 16 -17.22 -12.64 -2.13
CA GLN C 16 -17.80 -11.33 -2.34
C GLN C 16 -18.19 -11.08 -3.80
N ILE C 17 -17.35 -11.49 -4.76
CA ILE C 17 -17.71 -11.50 -6.18
C ILE C 17 -18.98 -12.32 -6.40
N GLU C 18 -19.03 -13.55 -5.88
CA GLU C 18 -20.23 -14.39 -5.97
C GLU C 18 -21.47 -13.71 -5.35
N PHE C 19 -21.36 -13.10 -4.17
CA PHE C 19 -22.45 -12.41 -3.49
C PHE C 19 -22.99 -11.23 -4.36
N LEU C 20 -22.12 -10.36 -4.87
CA LEU C 20 -22.52 -9.28 -5.76
C LEU C 20 -23.02 -9.79 -7.12
N GLU C 21 -22.45 -10.84 -7.67
CA GLU C 21 -22.90 -11.43 -8.93
C GLU C 21 -24.29 -12.06 -8.82
N GLU C 22 -24.65 -12.58 -7.65
CA GLU C 22 -26.05 -12.90 -7.34
C GLU C 22 -26.89 -11.63 -7.21
N LEU C 23 -26.47 -10.69 -6.37
CA LEU C 23 -27.32 -9.55 -6.00
C LEU C 23 -27.71 -8.66 -7.19
N VAL C 24 -26.78 -8.03 -7.91
CA VAL C 24 -27.12 -7.03 -8.96
C VAL C 24 -27.50 -7.65 -10.32
N ASN C 25 -27.65 -8.98 -10.40
CA ASN C 25 -28.33 -9.68 -11.49
C ASN C 25 -29.81 -9.99 -11.20
N ASN C 26 -30.27 -9.74 -9.97
CA ASN C 26 -31.66 -10.00 -9.57
C ASN C 26 -32.27 -8.73 -8.95
N PRO C 27 -32.94 -7.86 -9.74
CA PRO C 27 -33.48 -6.60 -9.24
C PRO C 27 -34.33 -6.75 -7.98
N GLU C 28 -35.12 -7.83 -7.88
CA GLU C 28 -35.95 -8.14 -6.71
C GLU C 28 -35.16 -8.28 -5.40
N LYS C 29 -33.89 -8.75 -5.44
CA LYS C 29 -32.98 -8.77 -4.28
C LYS C 29 -32.21 -7.46 -4.12
N PHE C 30 -31.79 -6.83 -5.21
CA PHE C 30 -31.09 -5.55 -5.15
C PHE C 30 -31.90 -4.47 -4.44
N LYS C 31 -33.13 -4.22 -4.89
CA LYS C 31 -34.02 -3.16 -4.37
C LYS C 31 -34.11 -3.23 -2.85
N GLU C 32 -34.50 -4.40 -2.34
CA GLU C 32 -34.72 -4.59 -0.90
C GLU C 32 -33.42 -4.58 -0.08
N PHE C 33 -32.26 -5.00 -0.62
CA PHE C 33 -31.01 -4.90 0.11
C PHE C 33 -30.66 -3.45 0.38
N PHE C 34 -30.87 -2.55 -0.57
CA PHE C 34 -30.67 -1.13 -0.31
C PHE C 34 -31.78 -0.49 0.55
N LYS C 35 -32.96 -1.11 0.67
CA LYS C 35 -33.88 -0.73 1.77
C LYS C 35 -33.28 -1.12 3.13
N ARG C 36 -32.74 -2.33 3.31
CA ARG C 36 -32.05 -2.73 4.56
C ARG C 36 -30.95 -1.73 4.91
N LEU C 37 -30.14 -1.29 3.93
CA LEU C 37 -29.08 -0.32 4.19
C LEU C 37 -29.57 1.08 4.62
N LYS C 38 -30.85 1.45 4.44
CA LYS C 38 -31.39 2.75 4.87
C LYS C 38 -32.38 2.64 6.03
N GLU C 39 -32.93 1.44 6.29
CA GLU C 39 -33.82 1.20 7.43
C GLU C 39 -33.07 1.29 8.78
N GLU C 40 -31.91 0.65 8.90
CA GLU C 40 -31.02 0.90 10.03
C GLU C 40 -30.36 2.28 9.91
N PRO C 41 -30.34 3.12 10.98
CA PRO C 41 -29.83 4.50 10.87
C PRO C 41 -28.37 4.53 10.44
N GLY C 42 -28.08 5.24 9.34
CA GLY C 42 -26.74 5.48 8.82
C GLY C 42 -26.03 4.26 8.20
N ALA C 43 -26.66 3.08 8.16
CA ALA C 43 -25.95 1.87 7.76
C ALA C 43 -25.43 1.86 6.32
N MET C 44 -26.05 2.64 5.41
CA MET C 44 -25.55 2.80 4.06
C MET C 44 -24.13 3.42 4.04
N GLU C 45 -23.76 4.26 5.02
CA GLU C 45 -22.41 4.78 5.16
C GLU C 45 -21.43 3.76 5.77
N LEU C 46 -21.93 2.75 6.51
CA LEU C 46 -21.14 1.59 6.91
C LEU C 46 -20.90 0.59 5.79
N PHE C 47 -21.90 0.34 4.95
CA PHE C 47 -21.68 -0.46 3.75
C PHE C 47 -20.70 0.22 2.79
N LEU C 48 -20.84 1.52 2.55
CA LEU C 48 -19.87 2.23 1.69
C LEU C 48 -18.47 2.36 2.32
N ARG C 49 -18.36 2.55 3.64
CA ARG C 49 -17.02 2.51 4.27
C ARG C 49 -16.34 1.16 4.05
N ASN C 50 -17.07 0.06 4.21
CA ASN C 50 -16.52 -1.26 3.94
C ASN C 50 -16.20 -1.44 2.46
N LEU C 51 -17.04 -0.96 1.55
CA LEU C 51 -16.86 -1.10 0.10
C LEU C 51 -15.55 -0.49 -0.40
N TYR C 52 -15.29 0.77 -0.03
CA TYR C 52 -14.14 1.49 -0.58
C TYR C 52 -12.81 0.96 -0.06
N LEU C 53 -12.80 0.21 1.06
CA LEU C 53 -11.64 -0.45 1.65
C LEU C 53 -11.40 -1.87 1.07
N MET C 54 -12.21 -2.36 0.13
CA MET C 54 -12.05 -3.70 -0.48
C MET C 54 -10.80 -3.79 -1.37
N HIS C 55 -10.34 -5.01 -1.67
CA HIS C 55 -9.38 -5.28 -2.72
C HIS C 55 -9.87 -4.64 -4.03
N PRO C 56 -9.06 -3.81 -4.70
CA PRO C 56 -9.49 -2.95 -5.78
C PRO C 56 -10.14 -3.70 -6.95
N MET C 57 -9.78 -4.96 -7.21
CA MET C 57 -10.40 -5.74 -8.26
C MET C 57 -11.87 -6.03 -7.97
N VAL C 58 -12.28 -6.23 -6.70
CA VAL C 58 -13.69 -6.40 -6.36
C VAL C 58 -14.46 -5.11 -6.55
N GLN C 59 -13.84 -3.94 -6.32
CA GLN C 59 -14.49 -2.67 -6.58
C GLN C 59 -14.76 -2.48 -8.07
N ILE C 60 -13.80 -2.78 -8.97
CA ILE C 60 -14.05 -2.71 -10.41
C ILE C 60 -15.00 -3.79 -10.90
N TYR C 61 -14.94 -5.01 -10.37
CA TYR C 61 -15.97 -5.97 -10.72
C TYR C 61 -17.37 -5.49 -10.35
N PHE C 62 -17.54 -4.85 -9.20
CA PHE C 62 -18.80 -4.25 -8.83
C PHE C 62 -19.23 -3.15 -9.79
N LEU C 63 -18.43 -2.14 -10.09
CA LEU C 63 -18.81 -1.09 -11.04
C LEU C 63 -19.06 -1.64 -12.45
N GLU C 64 -18.31 -2.66 -12.87
CA GLU C 64 -18.56 -3.38 -14.13
C GLU C 64 -19.94 -4.06 -14.12
N LEU C 65 -20.41 -4.65 -13.01
CA LEU C 65 -21.76 -5.20 -12.96
C LEU C 65 -22.81 -4.09 -13.03
N LEU C 66 -22.66 -2.95 -12.33
CA LEU C 66 -23.66 -1.90 -12.34
C LEU C 66 -23.75 -1.22 -13.70
N VAL C 67 -22.66 -0.70 -14.24
CA VAL C 67 -22.65 0.06 -15.49
C VAL C 67 -23.20 -0.76 -16.66
N GLU C 68 -22.95 -2.06 -16.70
CA GLU C 68 -23.43 -2.98 -17.72
C GLU C 68 -24.83 -3.56 -17.42
N ASN C 69 -25.38 -3.35 -16.23
CA ASN C 69 -26.78 -3.54 -15.91
C ASN C 69 -27.45 -2.17 -15.62
N PRO C 70 -27.43 -1.20 -16.55
CA PRO C 70 -27.78 0.20 -16.29
C PRO C 70 -29.23 0.45 -15.88
N GLU C 71 -30.10 -0.55 -15.98
CA GLU C 71 -31.43 -0.58 -15.35
C GLU C 71 -31.36 -0.57 -13.80
N LEU C 72 -30.18 -0.77 -13.22
CA LEU C 72 -29.92 -0.63 -11.78
C LEU C 72 -28.89 0.46 -11.43
N PHE C 73 -28.02 0.92 -12.35
CA PHE C 73 -27.08 1.99 -12.01
C PHE C 73 -27.80 3.30 -11.73
N LYS C 74 -28.82 3.70 -12.50
CA LYS C 74 -29.54 4.96 -12.27
C LYS C 74 -30.24 5.02 -10.91
N LEU C 75 -30.74 3.88 -10.46
CA LEU C 75 -31.38 3.70 -9.15
C LEU C 75 -30.33 3.71 -8.03
N PHE C 76 -29.20 3.00 -8.18
CA PHE C 76 -28.15 3.03 -7.18
C PHE C 76 -27.69 4.45 -6.90
N PHE C 77 -27.24 5.18 -7.91
CA PHE C 77 -26.90 6.57 -7.72
C PHE C 77 -28.09 7.49 -7.44
N GLU C 78 -29.35 7.01 -7.41
CA GLU C 78 -30.44 7.77 -6.78
C GLU C 78 -30.40 7.65 -5.24
N TYR C 79 -30.08 6.50 -4.66
CA TYR C 79 -29.91 6.38 -3.20
C TYR C 79 -28.85 7.34 -2.65
N LEU C 80 -27.64 7.32 -3.21
CA LEU C 80 -26.55 8.18 -2.78
C LEU C 80 -26.79 9.66 -3.15
N GLU C 81 -27.72 9.97 -4.06
CA GLU C 81 -28.11 11.36 -4.29
C GLU C 81 -29.20 11.85 -3.34
N GLU C 82 -30.12 10.97 -2.96
CA GLU C 82 -31.16 11.32 -2.01
C GLU C 82 -30.62 11.51 -0.58
N CYS C 83 -29.73 10.64 -0.14
CA CYS C 83 -29.17 10.66 1.21
C CYS C 83 -28.08 11.74 1.30
N PRO C 84 -28.29 12.85 2.01
CA PRO C 84 -27.33 13.95 2.07
C PRO C 84 -26.00 13.48 2.67
N GLY C 85 -24.91 14.08 2.21
CA GLY C 85 -23.54 13.72 2.59
C GLY C 85 -22.97 12.49 1.88
N ALA C 86 -23.77 11.49 1.48
CA ALA C 86 -23.26 10.29 0.85
C ALA C 86 -22.54 10.58 -0.46
N MET C 87 -22.98 11.57 -1.26
CA MET C 87 -22.28 11.96 -2.51
C MET C 87 -20.87 12.52 -2.24
N GLU C 88 -20.69 13.25 -1.15
CA GLU C 88 -19.37 13.75 -0.74
C GLU C 88 -18.49 12.63 -0.20
N GLN C 89 -19.09 11.68 0.51
CA GLN C 89 -18.42 10.45 0.92
C GLN C 89 -17.95 9.65 -0.31
N PHE C 90 -18.76 9.59 -1.39
CA PHE C 90 -18.33 8.95 -2.61
C PHE C 90 -17.06 9.63 -3.13
N LEU C 91 -17.07 10.92 -3.46
CA LEU C 91 -15.90 11.53 -4.13
C LEU C 91 -14.63 11.48 -3.28
N LEU C 92 -14.75 11.72 -1.98
CA LEU C 92 -13.66 11.61 -1.02
C LEU C 92 -13.30 10.14 -0.65
N ASN C 93 -13.91 9.15 -1.31
CA ASN C 93 -13.27 7.85 -1.52
C ASN C 93 -12.75 7.69 -2.93
N LEU C 94 -13.38 8.28 -3.96
CA LEU C 94 -12.96 8.12 -5.34
C LEU C 94 -11.53 8.64 -5.56
N TYR C 95 -11.19 9.79 -5.01
CA TYR C 95 -9.83 10.37 -5.02
C TYR C 95 -8.74 9.44 -4.43
N LEU C 96 -9.12 8.53 -3.53
CA LEU C 96 -8.18 7.64 -2.85
C LEU C 96 -8.11 6.25 -3.47
N LEU C 97 -8.87 5.95 -4.52
CA LEU C 97 -8.79 4.65 -5.19
C LEU C 97 -7.48 4.54 -5.96
N HIS C 98 -6.83 3.37 -5.90
CA HIS C 98 -5.56 3.09 -6.60
C HIS C 98 -5.73 3.25 -8.12
N PRO C 99 -4.80 3.88 -8.88
CA PRO C 99 -5.19 4.52 -10.12
C PRO C 99 -5.79 3.64 -11.21
N MET C 100 -5.42 2.36 -11.30
CA MET C 100 -6.12 1.41 -12.19
C MET C 100 -7.64 1.44 -11.98
N VAL C 101 -8.10 1.55 -10.74
CA VAL C 101 -9.53 1.67 -10.43
C VAL C 101 -10.15 2.95 -10.97
N GLN C 102 -9.48 4.10 -10.85
CA GLN C 102 -9.98 5.35 -11.42
C GLN C 102 -10.05 5.26 -12.95
N ILE C 103 -9.05 4.66 -13.60
CA ILE C 103 -9.03 4.48 -15.05
C ILE C 103 -10.20 3.62 -15.52
N GLU C 104 -10.45 2.49 -14.83
CA GLU C 104 -11.56 1.61 -15.18
C GLU C 104 -12.92 2.24 -14.93
N PHE C 105 -13.09 2.95 -13.84
CA PHE C 105 -14.28 3.78 -13.68
C PHE C 105 -14.45 4.79 -14.83
N LEU C 106 -13.40 5.55 -15.17
CA LEU C 106 -13.50 6.55 -16.25
C LEU C 106 -13.83 5.88 -17.57
N LYS C 107 -13.15 4.79 -17.95
CA LYS C 107 -13.50 4.05 -19.17
C LYS C 107 -14.97 3.66 -19.15
N LEU C 108 -15.45 3.06 -18.06
CA LEU C 108 -16.81 2.59 -17.95
C LEU C 108 -17.83 3.72 -18.14
N LEU C 109 -17.55 4.94 -17.73
CA LEU C 109 -18.45 6.04 -18.02
C LEU C 109 -18.32 6.55 -19.46
N VAL C 110 -17.13 6.87 -19.97
CA VAL C 110 -17.00 7.44 -21.32
C VAL C 110 -17.39 6.46 -22.44
N GLU C 111 -17.28 5.15 -22.21
CA GLU C 111 -17.76 4.11 -23.09
C GLU C 111 -19.28 3.84 -22.99
N ASN C 112 -19.98 4.52 -22.09
CA ASN C 112 -21.46 4.47 -21.97
C ASN C 112 -22.07 5.86 -21.71
N PRO C 113 -22.08 6.75 -22.71
CA PRO C 113 -22.24 8.20 -22.46
C PRO C 113 -23.54 8.61 -21.75
N GLU C 114 -24.63 7.85 -21.87
CA GLU C 114 -25.85 8.08 -21.09
C GLU C 114 -25.59 8.08 -19.57
N LEU C 115 -24.79 7.13 -19.11
CA LEU C 115 -24.52 6.87 -17.69
C LEU C 115 -23.49 7.86 -17.18
N PHE C 116 -22.61 8.39 -18.03
CA PHE C 116 -21.83 9.58 -17.68
C PHE C 116 -22.78 10.75 -17.43
N ARG C 117 -23.64 11.08 -18.38
CA ARG C 117 -24.47 12.29 -18.25
C ARG C 117 -25.39 12.21 -17.03
N LEU C 118 -26.07 11.10 -16.83
CA LEU C 118 -26.93 10.88 -15.66
C LEU C 118 -26.15 11.05 -14.36
N PHE C 119 -24.98 10.44 -14.24
CA PHE C 119 -24.14 10.64 -13.05
C PHE C 119 -23.77 12.12 -12.88
N PHE C 120 -23.40 12.79 -13.97
CA PHE C 120 -22.97 14.19 -13.95
C PHE C 120 -24.12 15.14 -13.55
N GLU C 121 -25.37 14.84 -13.93
CA GLU C 121 -26.54 15.57 -13.42
C GLU C 121 -26.72 15.41 -11.90
N TYR C 122 -26.49 14.23 -11.34
CA TYR C 122 -26.59 14.08 -9.87
C TYR C 122 -25.57 14.95 -9.14
N LEU C 123 -24.39 15.22 -9.71
CA LEU C 123 -23.45 16.15 -9.07
C LEU C 123 -23.97 17.61 -9.06
N LYS C 124 -24.96 17.98 -9.87
CA LYS C 124 -25.66 19.28 -9.76
C LYS C 124 -26.74 19.22 -8.70
N ARG C 125 -27.51 18.14 -8.68
CA ARG C 125 -28.75 17.97 -7.88
C ARG C 125 -28.50 17.58 -6.40
N CYS C 126 -27.40 16.89 -6.10
CA CYS C 126 -26.77 17.01 -4.78
C CYS C 126 -25.90 18.29 -4.78
N PRO C 127 -26.21 19.32 -3.98
CA PRO C 127 -25.67 20.67 -4.18
C PRO C 127 -24.17 20.80 -3.93
N GLY C 128 -23.51 21.66 -4.72
CA GLY C 128 -22.15 22.17 -4.44
C GLY C 128 -21.01 21.15 -4.66
N ALA C 129 -21.26 19.93 -5.16
CA ALA C 129 -20.21 18.92 -5.31
C ALA C 129 -19.17 19.24 -6.40
N LEU C 130 -19.55 20.03 -7.42
CA LEU C 130 -18.72 20.22 -8.63
C LEU C 130 -17.38 20.91 -8.35
N GLU C 131 -17.31 21.88 -7.43
CA GLU C 131 -16.02 22.52 -7.10
C GLU C 131 -15.04 21.50 -6.45
N LEU C 132 -15.54 20.57 -5.64
CA LEU C 132 -14.76 19.46 -5.11
C LEU C 132 -14.39 18.47 -6.24
N PHE C 133 -15.32 18.10 -7.14
CA PHE C 133 -15.05 17.20 -8.25
C PHE C 133 -13.95 17.75 -9.19
N LYS C 134 -14.04 19.02 -9.58
CA LYS C 134 -12.97 19.68 -10.35
C LYS C 134 -11.64 19.61 -9.59
N GLU C 135 -11.63 19.88 -8.29
CA GLU C 135 -10.41 19.74 -7.50
C GLU C 135 -9.89 18.30 -7.44
N ILE C 136 -10.77 17.28 -7.43
CA ILE C 136 -10.31 15.88 -7.46
C ILE C 136 -9.45 15.69 -8.72
N ILE C 137 -9.97 16.08 -9.88
CA ILE C 137 -9.25 15.98 -11.16
C ILE C 137 -7.96 16.76 -11.06
N GLU C 138 -7.99 17.98 -10.52
CA GLU C 138 -6.81 18.84 -10.42
C GLU C 138 -5.71 18.25 -9.51
N LEU C 139 -6.05 17.43 -8.53
CA LEU C 139 -5.10 16.75 -7.64
C LEU C 139 -4.61 15.39 -8.12
N LEU C 140 -5.16 14.88 -9.23
CA LEU C 140 -4.58 13.68 -9.85
C LEU C 140 -3.15 13.96 -10.38
N ASP C 141 -2.32 12.93 -10.52
CA ASP C 141 -0.96 13.05 -11.06
C ASP C 141 -0.89 13.34 -12.57
N PRO C 142 0.23 13.88 -13.09
CA PRO C 142 0.31 14.36 -14.46
C PRO C 142 0.06 13.28 -15.53
N ILE C 143 0.46 12.05 -15.27
CA ILE C 143 0.20 10.89 -16.14
C ILE C 143 -1.30 10.60 -16.23
N ILE C 144 -1.98 10.43 -15.12
CA ILE C 144 -3.41 10.19 -15.12
C ILE C 144 -4.17 11.40 -15.70
N GLN C 145 -3.81 12.65 -15.34
CA GLN C 145 -4.45 13.83 -15.90
C GLN C 145 -4.33 13.90 -17.42
N LYS C 146 -3.15 13.66 -17.99
CA LYS C 146 -2.92 13.63 -19.45
C LYS C 146 -3.75 12.53 -20.09
N TYR C 147 -3.70 11.33 -19.52
CA TYR C 147 -4.41 10.16 -20.07
C TYR C 147 -5.92 10.37 -20.07
N LEU C 148 -6.52 10.90 -18.98
CA LEU C 148 -7.94 11.24 -18.92
C LEU C 148 -8.36 12.25 -19.97
N LYS C 149 -7.55 13.30 -20.24
CA LYS C 149 -7.84 14.23 -21.35
C LYS C 149 -7.85 13.53 -22.71
N LYS C 150 -6.84 12.72 -23.01
CA LYS C 150 -6.73 11.96 -24.29
C LYS C 150 -7.88 10.97 -24.44
N LEU C 151 -8.30 10.35 -23.33
CA LEU C 151 -9.43 9.43 -23.26
C LEU C 151 -10.81 10.13 -23.44
N LEU C 152 -11.01 11.24 -22.71
CA LEU C 152 -12.28 11.97 -22.69
C LEU C 152 -12.66 12.51 -24.07
N GLU C 153 -11.73 13.14 -24.77
CA GLU C 153 -12.01 13.71 -26.10
C GLU C 153 -12.20 12.66 -27.22
N GLU C 154 -12.19 11.35 -26.91
CA GLU C 154 -12.81 10.33 -27.76
C GLU C 154 -14.32 10.59 -27.99
N ASN C 155 -14.99 11.30 -27.08
CA ASN C 155 -16.29 11.89 -27.32
C ASN C 155 -16.30 13.38 -26.91
N PRO C 156 -16.09 14.30 -27.86
CA PRO C 156 -16.06 15.74 -27.59
C PRO C 156 -17.32 16.31 -26.95
N GLU C 157 -18.51 15.70 -27.02
CA GLU C 157 -19.68 16.15 -26.24
C GLU C 157 -19.41 16.00 -24.74
N LEU C 158 -18.88 14.86 -24.29
CA LEU C 158 -18.44 14.71 -22.90
C LEU C 158 -17.33 15.68 -22.55
N LYS C 159 -16.44 16.03 -23.49
CA LYS C 159 -15.48 17.12 -23.28
C LYS C 159 -16.21 18.46 -23.04
N ALA C 160 -17.32 18.70 -23.75
CA ALA C 160 -18.13 19.88 -23.50
C ALA C 160 -18.83 19.87 -22.15
N LEU C 161 -19.34 18.74 -21.66
CA LEU C 161 -19.85 18.63 -20.28
C LEU C 161 -18.77 19.00 -19.28
N VAL C 162 -17.57 18.45 -19.43
CA VAL C 162 -16.40 18.76 -18.60
C VAL C 162 -15.93 20.23 -18.71
N LYS C 163 -16.20 20.91 -19.84
CA LYS C 163 -15.97 22.36 -19.98
C LYS C 163 -17.12 23.22 -19.41
N GLU C 164 -18.35 22.68 -19.41
CA GLU C 164 -19.55 23.40 -18.98
C GLU C 164 -19.61 23.65 -17.47
N VAL C 165 -18.86 22.85 -16.67
CA VAL C 165 -18.71 23.00 -15.20
C VAL C 165 -17.57 23.93 -14.77
N MET D 1 -15.79 -17.74 -20.68
CA MET D 1 -14.33 -17.42 -20.66
C MET D 1 -13.89 -16.61 -19.44
N LYS D 2 -14.30 -15.34 -19.25
CA LYS D 2 -13.66 -14.38 -18.30
C LYS D 2 -13.51 -14.90 -16.85
N LYS D 3 -14.47 -15.66 -16.32
CA LYS D 3 -14.37 -16.22 -14.96
C LYS D 3 -13.16 -17.13 -14.69
N GLU D 4 -12.58 -17.75 -15.71
CA GLU D 4 -11.28 -18.47 -15.62
C GLU D 4 -10.14 -17.55 -15.16
N LEU D 5 -10.11 -16.34 -15.71
CA LEU D 5 -9.04 -15.35 -15.46
C LEU D 5 -9.19 -14.73 -14.06
N TYR D 6 -10.41 -14.58 -13.55
CA TYR D 6 -10.69 -14.22 -12.16
C TYR D 6 -10.33 -15.36 -11.22
N GLU D 7 -10.78 -16.58 -11.54
CA GLU D 7 -10.41 -17.74 -10.74
C GLU D 7 -8.90 -17.88 -10.59
N PHE D 8 -8.17 -17.76 -11.72
CA PHE D 8 -6.71 -17.71 -11.74
C PHE D 8 -6.19 -16.60 -10.82
N TYR D 9 -6.64 -15.38 -11.02
CA TYR D 9 -6.12 -14.21 -10.30
C TYR D 9 -6.35 -14.29 -8.78
N PHE D 10 -7.44 -14.92 -8.33
CA PHE D 10 -7.74 -15.08 -6.91
C PHE D 10 -7.14 -16.35 -6.29
N MET D 11 -6.46 -17.21 -7.05
CA MET D 11 -5.68 -18.32 -6.44
C MET D 11 -4.59 -17.75 -5.53
N PRO D 12 -4.05 -18.50 -4.55
CA PRO D 12 -2.85 -18.15 -3.81
C PRO D 12 -1.60 -18.08 -4.71
N PRO D 13 -0.66 -17.16 -4.48
CA PRO D 13 0.47 -16.93 -5.40
C PRO D 13 1.21 -18.19 -5.86
N LEU D 14 1.42 -19.17 -4.99
CA LEU D 14 2.08 -20.45 -5.34
C LEU D 14 1.42 -21.17 -6.51
N LYS D 15 0.07 -21.15 -6.57
CA LYS D 15 -0.67 -21.72 -7.68
C LYS D 15 -0.41 -20.93 -8.94
N GLN D 16 -0.31 -19.60 -8.87
CA GLN D 16 -0.06 -18.77 -10.06
C GLN D 16 1.36 -18.90 -10.55
N ILE D 17 2.36 -18.96 -9.68
CA ILE D 17 3.74 -19.27 -10.06
C ILE D 17 3.76 -20.63 -10.76
N GLU D 18 3.14 -21.66 -10.16
CA GLU D 18 3.10 -22.99 -10.75
C GLU D 18 2.42 -23.00 -12.11
N PHE D 19 1.29 -22.30 -12.26
CA PHE D 19 0.59 -22.15 -13.52
C PHE D 19 1.45 -21.46 -14.58
N LEU D 20 2.03 -20.29 -14.29
CA LEU D 20 2.84 -19.54 -15.26
C LEU D 20 4.12 -20.27 -15.59
N GLU D 21 4.75 -20.96 -14.64
CA GLU D 21 5.91 -21.80 -14.88
C GLU D 21 5.61 -22.96 -15.82
N GLU D 22 4.56 -23.76 -15.55
CA GLU D 22 4.14 -24.82 -16.46
C GLU D 22 3.70 -24.28 -17.80
N LEU D 23 3.07 -23.10 -17.87
CA LEU D 23 2.63 -22.50 -19.13
C LEU D 23 3.83 -22.16 -20.02
N VAL D 24 4.76 -21.31 -19.58
CA VAL D 24 5.85 -20.84 -20.45
C VAL D 24 7.00 -21.85 -20.59
N ASN D 25 7.09 -22.87 -19.75
CA ASN D 25 7.94 -24.04 -20.04
C ASN D 25 7.43 -24.86 -21.24
N ASN D 26 6.23 -24.62 -21.77
CA ASN D 26 5.65 -25.35 -22.91
C ASN D 26 5.23 -24.38 -24.01
N PRO D 27 6.08 -24.04 -25.01
CA PRO D 27 5.74 -23.11 -26.10
C PRO D 27 4.43 -23.44 -26.82
N GLU D 28 4.13 -24.73 -26.97
CA GLU D 28 2.90 -25.21 -27.60
C GLU D 28 1.63 -24.87 -26.80
N LYS D 29 1.74 -24.71 -25.48
CA LYS D 29 0.65 -24.21 -24.60
C LYS D 29 0.64 -22.70 -24.52
N PHE D 30 1.81 -22.06 -24.47
CA PHE D 30 1.89 -20.61 -24.45
C PHE D 30 1.18 -19.98 -25.63
N LYS D 31 1.48 -20.39 -26.86
CA LYS D 31 0.89 -19.84 -28.10
C LYS D 31 -0.64 -19.85 -28.04
N GLU D 32 -1.22 -21.01 -27.86
CA GLU D 32 -2.67 -21.17 -27.86
C GLU D 32 -3.36 -20.50 -26.66
N PHE D 33 -2.74 -20.46 -25.47
CA PHE D 33 -3.34 -19.73 -24.36
C PHE D 33 -3.48 -18.26 -24.70
N PHE D 34 -2.47 -17.64 -25.32
CA PHE D 34 -2.65 -16.28 -25.79
C PHE D 34 -3.63 -16.16 -26.97
N LYS D 35 -3.77 -17.16 -27.87
CA LYS D 35 -4.85 -17.12 -28.88
C LYS D 35 -6.22 -17.05 -28.21
N ARG D 36 -6.44 -17.77 -27.10
CA ARG D 36 -7.69 -17.68 -26.31
C ARG D 36 -7.85 -16.27 -25.74
N LEU D 37 -6.81 -15.67 -25.16
CA LEU D 37 -6.88 -14.29 -24.67
C LEU D 37 -7.15 -13.27 -25.77
N LYS D 38 -6.80 -13.56 -27.01
CA LYS D 38 -6.87 -12.58 -28.10
C LYS D 38 -8.14 -12.71 -28.95
N GLU D 39 -8.74 -13.91 -29.03
CA GLU D 39 -9.95 -14.17 -29.82
C GLU D 39 -11.23 -13.70 -29.13
N GLU D 40 -11.34 -13.92 -27.81
CA GLU D 40 -12.46 -13.37 -27.02
C GLU D 40 -12.40 -11.83 -27.02
N PRO D 41 -13.46 -11.09 -27.37
CA PRO D 41 -13.39 -9.64 -27.54
C PRO D 41 -12.91 -8.91 -26.29
N GLY D 42 -11.86 -8.09 -26.47
CA GLY D 42 -11.26 -7.26 -25.42
C GLY D 42 -10.53 -8.03 -24.30
N ALA D 43 -10.64 -9.36 -24.21
CA ALA D 43 -10.26 -10.09 -23.01
C ALA D 43 -8.77 -9.97 -22.66
N MET D 44 -7.88 -9.75 -23.63
CA MET D 44 -6.48 -9.54 -23.31
C MET D 44 -6.22 -8.34 -22.42
N GLU D 45 -7.01 -7.27 -22.49
CA GLU D 45 -6.91 -6.15 -21.55
C GLU D 45 -7.43 -6.48 -20.13
N LEU D 46 -8.26 -7.53 -20.01
CA LEU D 46 -8.73 -8.04 -18.73
C LEU D 46 -7.73 -9.00 -18.09
N PHE D 47 -7.07 -9.86 -18.86
CA PHE D 47 -5.90 -10.57 -18.36
C PHE D 47 -4.80 -9.61 -17.94
N LEU D 48 -4.45 -8.60 -18.75
CA LEU D 48 -3.40 -7.65 -18.37
C LEU D 48 -3.81 -6.80 -17.16
N ARG D 49 -5.07 -6.39 -16.99
CA ARG D 49 -5.50 -5.77 -15.75
C ARG D 49 -5.22 -6.68 -14.53
N ASN D 50 -5.58 -7.95 -14.63
CA ASN D 50 -5.33 -8.91 -13.56
C ASN D 50 -3.83 -9.12 -13.33
N LEU D 51 -2.98 -9.07 -14.37
CA LEU D 51 -1.53 -9.12 -14.22
C LEU D 51 -0.95 -7.95 -13.42
N TYR D 52 -1.25 -6.70 -13.80
CA TYR D 52 -0.64 -5.56 -13.12
C TYR D 52 -1.07 -5.41 -11.65
N LEU D 53 -2.21 -5.99 -11.26
CA LEU D 53 -2.72 -5.98 -9.89
C LEU D 53 -2.24 -7.16 -9.05
N MET D 54 -1.40 -8.09 -9.58
CA MET D 54 -0.91 -9.25 -8.83
C MET D 54 0.02 -8.83 -7.72
N HIS D 55 0.23 -9.74 -6.78
CA HIS D 55 1.31 -9.61 -5.79
C HIS D 55 2.65 -9.30 -6.51
N PRO D 56 3.41 -8.29 -6.10
CA PRO D 56 4.60 -7.83 -6.85
C PRO D 56 5.63 -8.93 -7.17
N MET D 57 5.81 -9.92 -6.29
CA MET D 57 6.75 -11.02 -6.52
C MET D 57 6.31 -11.93 -7.67
N VAL D 58 5.01 -12.14 -7.90
CA VAL D 58 4.54 -12.88 -9.05
C VAL D 58 4.76 -12.10 -10.34
N GLN D 59 4.69 -10.78 -10.32
CA GLN D 59 4.95 -10.00 -11.51
C GLN D 59 6.43 -10.09 -11.91
N ILE D 60 7.39 -9.97 -10.97
CA ILE D 60 8.81 -10.23 -11.28
C ILE D 60 9.11 -11.68 -11.60
N TYR D 61 8.54 -12.65 -10.92
CA TYR D 61 8.77 -14.04 -11.33
C TYR D 61 8.28 -14.28 -12.76
N PHE D 62 7.15 -13.71 -13.18
CA PHE D 62 6.69 -13.82 -14.54
C PHE D 62 7.68 -13.18 -15.54
N LEU D 63 8.15 -11.94 -15.31
CA LEU D 63 9.16 -11.36 -16.23
C LEU D 63 10.48 -12.16 -16.21
N GLU D 64 10.92 -12.63 -15.04
CA GLU D 64 12.09 -13.47 -14.87
C GLU D 64 11.95 -14.78 -15.66
N LEU D 65 10.73 -15.33 -15.81
CA LEU D 65 10.53 -16.44 -16.73
C LEU D 65 10.79 -16.02 -18.16
N LEU D 66 10.10 -15.01 -18.67
CA LEU D 66 10.15 -14.71 -20.10
C LEU D 66 11.56 -14.36 -20.58
N VAL D 67 12.22 -13.39 -19.95
CA VAL D 67 13.52 -12.91 -20.43
C VAL D 67 14.56 -14.03 -20.39
N GLU D 68 14.54 -14.92 -19.39
CA GLU D 68 15.43 -16.09 -19.30
C GLU D 68 14.92 -17.33 -20.07
N ASN D 69 13.91 -17.15 -20.93
CA ASN D 69 13.30 -18.16 -21.78
C ASN D 69 12.89 -17.49 -23.11
N PRO D 70 13.77 -16.65 -23.70
CA PRO D 70 13.40 -15.52 -24.55
C PRO D 70 12.80 -15.85 -25.90
N GLU D 71 12.91 -17.08 -26.35
CA GLU D 71 12.18 -17.58 -27.50
C GLU D 71 10.64 -17.38 -27.43
N LEU D 72 10.10 -17.10 -26.24
CA LEU D 72 8.71 -16.68 -26.00
C LEU D 72 8.57 -15.19 -25.68
N PHE D 73 9.62 -14.48 -25.27
CA PHE D 73 9.55 -13.03 -25.16
C PHE D 73 9.42 -12.35 -26.51
N LYS D 74 10.03 -12.91 -27.57
CA LYS D 74 9.93 -12.31 -28.93
C LYS D 74 8.50 -12.32 -29.44
N LEU D 75 7.75 -13.41 -29.17
CA LEU D 75 6.32 -13.51 -29.48
C LEU D 75 5.49 -12.59 -28.58
N PHE D 76 5.76 -12.56 -27.27
CA PHE D 76 4.88 -11.85 -26.33
C PHE D 76 4.71 -10.38 -26.68
N PHE D 77 5.79 -9.63 -26.81
CA PHE D 77 5.72 -8.25 -27.29
C PHE D 77 5.44 -8.10 -28.80
N GLU D 78 5.08 -9.18 -29.49
CA GLU D 78 4.37 -9.08 -30.79
C GLU D 78 2.87 -8.88 -30.57
N TYR D 79 2.25 -9.54 -29.58
CA TYR D 79 0.83 -9.38 -29.32
C TYR D 79 0.52 -7.92 -28.92
N LEU D 80 1.34 -7.34 -28.07
CA LEU D 80 1.23 -5.94 -27.69
C LEU D 80 1.68 -4.96 -28.77
N GLU D 81 2.36 -5.42 -29.84
CA GLU D 81 2.54 -4.58 -31.04
C GLU D 81 1.28 -4.58 -31.94
N GLU D 82 0.60 -5.75 -32.02
CA GLU D 82 -0.62 -5.90 -32.83
C GLU D 82 -1.77 -5.01 -32.36
N CYS D 83 -2.02 -4.98 -31.04
CA CYS D 83 -3.20 -4.34 -30.46
C CYS D 83 -2.89 -2.88 -30.06
N PRO D 84 -3.47 -1.86 -30.69
CA PRO D 84 -2.88 -0.51 -30.66
C PRO D 84 -2.99 0.19 -29.31
N GLY D 85 -4.00 -0.14 -28.49
CA GLY D 85 -4.14 0.43 -27.15
C GLY D 85 -3.29 -0.28 -26.09
N ALA D 86 -2.87 -1.51 -26.34
CA ALA D 86 -2.20 -2.34 -25.32
C ALA D 86 -0.84 -1.80 -24.92
N MET D 87 -0.02 -1.27 -25.85
CA MET D 87 1.31 -0.72 -25.47
C MET D 87 1.18 0.54 -24.59
N GLU D 88 0.16 1.38 -24.84
CA GLU D 88 -0.17 2.53 -23.99
C GLU D 88 -0.54 2.03 -22.58
N GLN D 89 -1.38 1.00 -22.53
CA GLN D 89 -1.85 0.36 -21.31
C GLN D 89 -0.69 -0.31 -20.51
N PHE D 90 0.30 -0.88 -21.18
CA PHE D 90 1.52 -1.39 -20.55
C PHE D 90 2.24 -0.27 -19.82
N LEU D 91 2.73 0.77 -20.50
CA LEU D 91 3.55 1.81 -19.87
C LEU D 91 2.83 2.51 -18.71
N LEU D 92 1.55 2.84 -18.91
CA LEU D 92 0.74 3.50 -17.90
C LEU D 92 0.24 2.57 -16.80
N ASN D 93 0.68 1.31 -16.81
CA ASN D 93 0.71 0.44 -15.65
C ASN D 93 2.11 0.16 -15.15
N LEU D 94 3.16 0.26 -15.99
CA LEU D 94 4.55 0.13 -15.58
C LEU D 94 4.93 1.20 -14.56
N TYR D 95 4.59 2.45 -14.85
CA TYR D 95 4.80 3.61 -13.97
C TYR D 95 4.18 3.39 -12.57
N LEU D 96 3.17 2.56 -12.46
CA LEU D 96 2.45 2.24 -11.22
C LEU D 96 2.89 0.91 -10.61
N LEU D 97 3.96 0.25 -11.12
CA LEU D 97 4.63 -0.83 -10.40
C LEU D 97 5.42 -0.30 -9.21
N HIS D 98 5.58 -1.13 -8.20
CA HIS D 98 6.37 -0.80 -7.01
C HIS D 98 7.82 -0.47 -7.38
N PRO D 99 8.52 0.53 -6.80
CA PRO D 99 9.89 0.86 -7.20
C PRO D 99 10.87 -0.30 -7.21
N MET D 100 10.75 -1.27 -6.30
CA MET D 100 11.58 -2.49 -6.31
C MET D 100 11.36 -3.35 -7.54
N VAL D 101 10.10 -3.43 -8.02
CA VAL D 101 9.76 -4.14 -9.27
C VAL D 101 10.31 -3.40 -10.47
N GLN D 102 10.17 -2.07 -10.54
CA GLN D 102 10.74 -1.31 -11.67
C GLN D 102 12.26 -1.48 -11.76
N ILE D 103 12.93 -1.45 -10.61
CA ILE D 103 14.37 -1.66 -10.49
C ILE D 103 14.79 -3.03 -11.01
N GLU D 104 14.08 -4.07 -10.60
CA GLU D 104 14.37 -5.43 -11.04
C GLU D 104 14.05 -5.68 -12.53
N PHE D 105 12.97 -5.11 -13.04
CA PHE D 105 12.68 -5.14 -14.47
C PHE D 105 13.84 -4.49 -15.24
N LEU D 106 14.31 -3.28 -14.87
CA LEU D 106 15.40 -2.63 -15.59
C LEU D 106 16.68 -3.47 -15.55
N LYS D 107 17.05 -4.02 -14.39
CA LYS D 107 18.18 -4.98 -14.31
C LYS D 107 18.00 -6.10 -15.33
N LEU D 108 16.81 -6.68 -15.38
CA LEU D 108 16.51 -7.83 -16.22
C LEU D 108 16.65 -7.51 -17.70
N LEU D 109 16.31 -6.29 -18.16
CA LEU D 109 16.57 -5.93 -19.54
C LEU D 109 18.00 -5.53 -19.85
N VAL D 110 18.61 -4.66 -19.03
CA VAL D 110 19.97 -4.16 -19.34
C VAL D 110 21.02 -5.29 -19.34
N GLU D 111 20.79 -6.36 -18.56
CA GLU D 111 21.65 -7.55 -18.53
C GLU D 111 21.39 -8.54 -19.72
N ASN D 112 20.48 -8.22 -20.64
CA ASN D 112 20.17 -9.00 -21.85
C ASN D 112 19.97 -8.03 -23.04
N PRO D 113 21.05 -7.42 -23.57
CA PRO D 113 20.95 -6.25 -24.45
C PRO D 113 20.12 -6.45 -25.71
N GLU D 114 20.05 -7.67 -26.25
CA GLU D 114 19.21 -7.97 -27.41
C GLU D 114 17.72 -7.70 -27.09
N LEU D 115 17.28 -8.14 -25.92
CA LEU D 115 15.89 -8.07 -25.48
C LEU D 115 15.53 -6.69 -24.94
N PHE D 116 16.52 -5.90 -24.53
CA PHE D 116 16.35 -4.45 -24.42
C PHE D 116 16.05 -3.82 -25.78
N ARG D 117 16.93 -4.03 -26.76
CA ARG D 117 16.83 -3.36 -28.06
C ARG D 117 15.52 -3.72 -28.78
N LEU D 118 15.11 -4.99 -28.80
CA LEU D 118 13.82 -5.47 -29.32
C LEU D 118 12.64 -4.73 -28.71
N PHE D 119 12.56 -4.65 -27.37
CA PHE D 119 11.53 -3.89 -26.68
C PHE D 119 11.57 -2.41 -27.08
N PHE D 120 12.76 -1.82 -27.21
CA PHE D 120 12.91 -0.42 -27.60
C PHE D 120 12.44 -0.13 -29.03
N GLU D 121 12.66 -1.06 -29.97
CA GLU D 121 12.09 -0.95 -31.31
C GLU D 121 10.55 -1.00 -31.29
N TYR D 122 9.94 -1.89 -30.51
CA TYR D 122 8.48 -1.91 -30.43
C TYR D 122 7.89 -0.58 -29.97
N LEU D 123 8.55 0.19 -29.11
CA LEU D 123 8.03 1.51 -28.73
C LEU D 123 7.99 2.45 -29.93
N LYS D 124 8.85 2.31 -30.94
CA LYS D 124 8.77 3.12 -32.16
C LYS D 124 7.75 2.58 -33.17
N ARG D 125 7.65 1.27 -33.30
CA ARG D 125 6.80 0.56 -34.27
C ARG D 125 5.33 0.54 -33.88
N CYS D 126 5.02 0.56 -32.58
CA CYS D 126 3.71 0.98 -32.09
C CYS D 126 3.52 2.50 -32.26
N PRO D 127 2.32 2.99 -32.60
CA PRO D 127 2.06 4.43 -32.69
C PRO D 127 2.35 5.16 -31.37
N GLY D 128 2.91 6.37 -31.48
CA GLY D 128 3.14 7.24 -30.32
C GLY D 128 4.00 6.58 -29.24
N ALA D 129 3.47 6.53 -28.02
CA ALA D 129 4.01 5.90 -26.79
C ALA D 129 5.38 6.40 -26.24
N LEU D 130 6.33 6.79 -27.09
CA LEU D 130 7.71 7.00 -26.66
C LEU D 130 7.87 8.16 -25.69
N GLU D 131 7.11 9.25 -25.87
CA GLU D 131 7.07 10.37 -24.90
C GLU D 131 6.50 9.93 -23.55
N LEU D 132 5.52 9.01 -23.51
CA LEU D 132 5.14 8.40 -22.23
C LEU D 132 6.32 7.66 -21.64
N PHE D 133 7.04 6.80 -22.39
CA PHE D 133 8.21 6.13 -21.85
C PHE D 133 9.25 7.10 -21.25
N LYS D 134 9.61 8.20 -21.94
CA LYS D 134 10.55 9.18 -21.40
C LYS D 134 10.02 9.78 -20.09
N GLU D 135 8.81 10.32 -20.08
CA GLU D 135 8.28 10.93 -18.85
C GLU D 135 8.15 9.92 -17.69
N ILE D 136 7.93 8.65 -17.99
CA ILE D 136 7.85 7.60 -16.97
C ILE D 136 9.25 7.25 -16.43
N ILE D 137 10.32 7.74 -17.05
CA ILE D 137 11.59 7.87 -16.34
C ILE D 137 11.59 9.14 -15.49
N GLU D 138 11.34 10.27 -16.11
CA GLU D 138 11.51 11.59 -15.48
C GLU D 138 10.65 11.88 -14.26
N LEU D 139 9.52 11.19 -14.11
CA LEU D 139 8.61 11.33 -12.98
C LEU D 139 8.97 10.44 -11.76
N LEU D 140 10.03 9.60 -11.84
CA LEU D 140 10.46 8.76 -10.72
C LEU D 140 11.21 9.56 -9.62
N ASP D 141 11.38 8.98 -8.44
CA ASP D 141 12.15 9.59 -7.32
C ASP D 141 13.65 9.79 -7.69
N PRO D 142 14.31 10.87 -7.23
CA PRO D 142 15.69 11.17 -7.59
C PRO D 142 16.69 10.05 -7.29
N ILE D 143 16.48 9.32 -6.19
CA ILE D 143 17.30 8.13 -5.84
C ILE D 143 17.10 7.00 -6.83
N ILE D 144 15.86 6.70 -7.22
CA ILE D 144 15.58 5.68 -8.24
C ILE D 144 16.24 6.12 -9.55
N GLN D 145 16.08 7.37 -9.96
CA GLN D 145 16.62 7.85 -11.22
C GLN D 145 18.14 7.79 -11.26
N LYS D 146 18.83 8.24 -10.21
CA LYS D 146 20.31 8.09 -10.11
C LYS D 146 20.75 6.63 -10.20
N TYR D 147 20.08 5.76 -9.46
CA TYR D 147 20.35 4.33 -9.51
C TYR D 147 20.17 3.75 -10.92
N LEU D 148 19.01 3.92 -11.56
CA LEU D 148 18.77 3.45 -12.93
C LEU D 148 19.77 4.05 -13.94
N LYS D 149 20.27 5.28 -13.72
CA LYS D 149 21.30 5.90 -14.52
C LYS D 149 22.66 5.19 -14.34
N LYS D 150 23.12 5.10 -13.08
CA LYS D 150 24.36 4.36 -12.72
C LYS D 150 24.30 2.85 -13.09
N LEU D 151 23.10 2.29 -13.23
CA LEU D 151 22.91 0.94 -13.80
C LEU D 151 23.14 0.95 -15.32
N LEU D 152 22.44 1.81 -16.05
CA LEU D 152 22.46 1.80 -17.52
C LEU D 152 23.78 2.26 -18.12
N GLU D 153 24.49 3.16 -17.46
CA GLU D 153 25.83 3.61 -17.89
C GLU D 153 26.88 2.48 -17.97
N GLU D 154 26.59 1.30 -17.44
CA GLU D 154 27.38 0.09 -17.68
C GLU D 154 27.46 -0.28 -19.18
N ASN D 155 26.48 0.12 -19.99
CA ASN D 155 26.41 -0.19 -21.41
C ASN D 155 26.32 1.10 -22.26
N PRO D 156 27.43 1.57 -22.84
CA PRO D 156 27.42 2.76 -23.70
C PRO D 156 26.51 2.68 -24.95
N GLU D 157 26.26 1.49 -25.46
CA GLU D 157 25.34 1.27 -26.57
C GLU D 157 23.87 1.50 -26.12
N LEU D 158 23.46 0.89 -25.01
CA LEU D 158 22.09 1.06 -24.51
C LEU D 158 21.85 2.50 -24.01
N LYS D 159 22.90 3.13 -23.47
CA LYS D 159 22.99 4.59 -23.26
C LYS D 159 22.73 5.35 -24.57
N ALA D 160 23.36 4.94 -25.68
CA ALA D 160 23.13 5.61 -26.94
C ALA D 160 21.67 5.46 -27.39
N LEU D 161 21.06 4.27 -27.26
CA LEU D 161 19.65 4.05 -27.60
C LEU D 161 18.73 5.02 -26.84
N VAL D 162 18.83 5.05 -25.50
CA VAL D 162 17.95 5.95 -24.73
C VAL D 162 18.22 7.45 -24.98
N LYS D 163 19.46 7.84 -25.28
CA LYS D 163 19.84 9.24 -25.56
C LYS D 163 19.61 9.69 -27.01
N GLU D 164 19.41 8.78 -27.96
CA GLU D 164 19.04 9.10 -29.34
C GLU D 164 17.62 9.71 -29.51
N VAL D 165 16.76 9.68 -28.47
CA VAL D 165 15.33 10.05 -28.50
C VAL D 165 14.89 11.05 -27.44
#